data_4YMU
#
_entry.id   4YMU
#
_cell.length_a   96.765
_cell.length_b   114.098
_cell.length_c   298.636
_cell.angle_alpha   90.00
_cell.angle_beta   90.00
_cell.angle_gamma   90.00
#
_symmetry.space_group_name_H-M   'C 2 2 21'
#
loop_
_entity.id
_entity.type
_entity.pdbx_description
1 polymer 'ABC-type polar amino acid transport system, ATPase component'
2 polymer 'ABC-type amino acid transport system, permease component'
3 non-polymer "ADENOSINE-5'-TRIPHOSPHATE"
4 non-polymer 'MAGNESIUM ION'
5 non-polymer ARGININE
#
loop_
_entity_poly.entity_id
_entity_poly.type
_entity_poly.pdbx_seq_one_letter_code
_entity_poly.pdbx_strand_id
1 'polypeptide(L)'
;MIFVNDVYKNFGSLEVLKGVTLKVNKGEVVVIIGPSGSGKSTLLRCINLLEEPTKGEVFIDGVKINNGKVNINKVRQKVG
MVFQHFNLFPHLTAIENITLAPVKVKKMNKKEAEELAVDLLAKVGLLDKKDQYPIKLSGGQKQRLAIARALAMQPEVMLF
DEPTSALDPEMVKEVLNVMKQLANEGMTMVVVTHEMGFAREVGDRVIFMDDGVIVEEGTPEEIFYRAKNERTREFLSKIL
;
J,A
2 'polypeptide(L)'
;MTVDFLSMVKYTPLFISGLIMTLKLTFLAVTIGVLMGLFIALMKMSSIKPIKLVASSYIEVIRGTPLLVQLLLIYNGLMQ
FGMNIPAFTAGVSALAINSSAYVAEIIRAGIQAVDPGQNEAARSLGMTHAMAMRYVIIPQAIKNILPALGNEFIVMLKES
AIVSVIGFADLTRQADIIQSVTYRYFEPYIIIAAIYFVMTLTFSKLLSLFERRLRAGDIR
;
D,C
#
# COMPACT_ATOMS: atom_id res chain seq x y z
N MET A 1 3.05 -14.08 -39.19
CA MET A 1 3.26 -14.44 -37.79
C MET A 1 2.72 -13.46 -36.74
N ILE A 2 3.20 -12.21 -36.76
CA ILE A 2 2.55 -11.18 -35.93
C ILE A 2 2.08 -10.03 -36.79
N PHE A 3 0.81 -9.70 -36.69
CA PHE A 3 0.31 -8.56 -37.44
C PHE A 3 -0.62 -7.70 -36.60
N VAL A 4 -0.09 -6.62 -36.05
CA VAL A 4 -0.89 -5.62 -35.37
C VAL A 4 -1.33 -4.59 -36.42
N ASN A 5 -2.63 -4.42 -36.55
CA ASN A 5 -3.18 -3.65 -37.66
C ASN A 5 -3.96 -2.44 -37.20
N ASP A 6 -3.34 -1.28 -37.35
CA ASP A 6 -3.94 0.03 -37.07
C ASP A 6 -4.68 0.12 -35.74
N VAL A 7 -4.02 -0.28 -34.65
CA VAL A 7 -4.73 -0.27 -33.39
C VAL A 7 -4.70 1.05 -32.62
N TYR A 8 -5.70 1.22 -31.78
CA TYR A 8 -5.82 2.35 -30.90
C TYR A 8 -6.07 1.75 -29.54
N LYS A 9 -5.54 2.36 -28.50
CA LYS A 9 -5.90 1.96 -27.14
C LYS A 9 -6.05 3.19 -26.28
N ASN A 10 -7.13 3.21 -25.51
CA ASN A 10 -7.39 4.25 -24.51
C ASN A 10 -7.63 3.64 -23.17
N PHE A 11 -7.01 4.25 -22.15
CA PHE A 11 -7.40 4.01 -20.78
C PHE A 11 -8.11 5.28 -20.32
N GLY A 12 -9.45 5.22 -20.34
CA GLY A 12 -10.28 6.38 -20.04
C GLY A 12 -10.00 7.49 -21.05
N SER A 13 -9.82 8.70 -20.55
CA SER A 13 -9.56 9.84 -21.41
C SER A 13 -8.13 9.81 -21.93
N LEU A 14 -7.32 8.91 -21.39
CA LEU A 14 -5.90 8.83 -21.76
C LEU A 14 -5.82 8.01 -23.05
N GLU A 15 -5.48 8.68 -24.15
CA GLU A 15 -5.24 8.00 -25.43
C GLU A 15 -3.79 7.55 -25.49
N VAL A 16 -3.55 6.25 -25.51
CA VAL A 16 -2.19 5.71 -25.49
C VAL A 16 -1.65 5.27 -26.87
N LEU A 17 -2.40 4.47 -27.62
CA LEU A 17 -2.02 4.13 -29.00
C LEU A 17 -2.97 4.86 -29.96
N LYS A 18 -2.43 5.49 -30.98
CA LYS A 18 -3.26 6.30 -31.87
C LYS A 18 -3.13 5.88 -33.33
N GLY A 19 -3.23 4.57 -33.57
CA GLY A 19 -3.16 4.05 -34.92
C GLY A 19 -1.79 3.50 -35.17
N VAL A 20 -1.54 2.30 -34.66
CA VAL A 20 -0.21 1.71 -34.79
C VAL A 20 -0.27 0.41 -35.57
N THR A 21 0.72 0.20 -36.43
CA THR A 21 0.80 -1.00 -37.25
C THR A 21 2.17 -1.68 -37.13
N LEU A 22 2.20 -2.97 -36.82
CA LEU A 22 3.46 -3.67 -36.66
C LEU A 22 3.39 -5.06 -37.27
N LYS A 23 4.31 -5.40 -38.18
CA LYS A 23 4.40 -6.78 -38.70
C LYS A 23 5.74 -7.38 -38.32
N VAL A 24 5.73 -8.57 -37.73
CA VAL A 24 7.01 -9.26 -37.53
C VAL A 24 6.99 -10.73 -37.95
N ASN A 25 8.03 -11.11 -38.70
CA ASN A 25 8.17 -12.47 -39.23
C ASN A 25 9.19 -13.30 -38.48
N LYS A 26 9.20 -14.59 -38.77
CA LYS A 26 10.03 -15.54 -38.07
C LYS A 26 11.50 -15.18 -38.12
N GLY A 27 12.15 -15.12 -36.96
CA GLY A 27 13.57 -14.85 -36.91
C GLY A 27 13.99 -13.39 -36.73
N GLU A 28 13.04 -12.45 -36.88
CA GLU A 28 13.39 -11.03 -36.70
C GLU A 28 13.60 -10.73 -35.24
N VAL A 29 14.49 -9.80 -34.95
CA VAL A 29 14.52 -9.23 -33.61
C VAL A 29 14.10 -7.77 -33.75
N VAL A 30 12.87 -7.46 -33.36
CA VAL A 30 12.39 -6.06 -33.45
C VAL A 30 12.46 -5.35 -32.10
N VAL A 31 13.09 -4.17 -32.09
CA VAL A 31 13.24 -3.41 -30.84
C VAL A 31 12.51 -2.08 -30.87
N ILE A 32 11.69 -1.86 -29.84
CA ILE A 32 10.87 -0.65 -29.71
C ILE A 32 11.43 0.29 -28.62
N ILE A 33 11.68 1.54 -29.03
CA ILE A 33 12.26 2.52 -28.14
C ILE A 33 11.48 3.81 -28.27
N GLY A 34 11.62 4.70 -27.29
CA GLY A 34 10.92 5.97 -27.34
C GLY A 34 10.73 6.52 -25.95
N PRO A 35 10.32 7.79 -25.86
CA PRO A 35 10.12 8.44 -24.56
C PRO A 35 9.04 7.76 -23.74
N SER A 36 9.05 8.02 -22.45
CA SER A 36 8.15 7.36 -21.53
C SER A 36 6.70 7.70 -21.84
N GLY A 37 5.82 6.72 -21.72
CA GLY A 37 4.39 6.97 -21.92
C GLY A 37 4.01 7.05 -23.40
N SER A 38 4.95 6.75 -24.28
CA SER A 38 4.69 6.79 -25.72
C SER A 38 3.87 5.60 -26.21
N GLY A 39 3.69 4.58 -25.37
CA GLY A 39 2.82 3.47 -25.69
C GLY A 39 3.48 2.15 -26.05
N LYS A 40 4.81 2.10 -25.92
CA LYS A 40 5.61 0.92 -26.29
C LYS A 40 5.07 -0.38 -25.66
N SER A 41 5.00 -0.38 -24.33
CA SER A 41 4.55 -1.56 -23.60
C SER A 41 3.11 -1.93 -23.93
N THR A 42 2.27 -0.94 -24.24
CA THR A 42 0.87 -1.21 -24.55
C THR A 42 0.74 -1.94 -25.90
N LEU A 43 1.51 -1.49 -26.87
CA LEU A 43 1.62 -2.16 -28.16
C LEU A 43 2.10 -3.59 -27.98
N LEU A 44 3.21 -3.74 -27.27
CA LEU A 44 3.76 -5.06 -26.97
C LEU A 44 2.68 -5.96 -26.38
N ARG A 45 1.92 -5.40 -25.44
CA ARG A 45 0.95 -6.20 -24.71
C ARG A 45 -0.33 -6.47 -25.48
N CYS A 46 -0.53 -5.77 -26.59
CA CYS A 46 -1.64 -6.13 -27.47
C CYS A 46 -1.37 -7.46 -28.21
N ILE A 47 -0.08 -7.74 -28.43
CA ILE A 47 0.30 -8.87 -29.27
C ILE A 47 -0.15 -10.19 -28.67
N ASN A 48 -0.08 -10.33 -27.35
CA ASN A 48 -0.61 -11.52 -26.69
C ASN A 48 -1.91 -11.24 -25.94
N LEU A 49 -2.56 -10.14 -26.31
CA LEU A 49 -3.87 -9.78 -25.77
C LEU A 49 -3.95 -9.65 -24.23
N LEU A 50 -2.86 -9.23 -23.61
CA LEU A 50 -2.89 -8.78 -22.22
C LEU A 50 -3.51 -7.38 -22.14
N GLU A 51 -3.48 -6.65 -23.26
CA GLU A 51 -4.33 -5.49 -23.47
C GLU A 51 -5.20 -5.72 -24.68
N GLU A 52 -6.41 -5.18 -24.63
CA GLU A 52 -7.29 -5.30 -25.78
C GLU A 52 -7.41 -3.97 -26.49
N PRO A 53 -7.13 -3.96 -27.80
CA PRO A 53 -7.27 -2.73 -28.57
C PRO A 53 -8.66 -2.15 -28.47
N THR A 54 -8.78 -0.83 -28.56
CA THR A 54 -10.07 -0.19 -28.61
C THR A 54 -10.61 -0.30 -30.04
N LYS A 55 -9.71 -0.23 -31.01
CA LYS A 55 -10.03 -0.45 -32.42
C LYS A 55 -8.80 -1.10 -33.02
N GLY A 56 -8.92 -1.54 -34.27
CA GLY A 56 -7.84 -2.23 -34.91
C GLY A 56 -7.86 -3.70 -34.52
N GLU A 57 -7.00 -4.49 -35.15
CA GLU A 57 -7.04 -5.92 -34.90
C GLU A 57 -5.65 -6.45 -34.71
N VAL A 58 -5.52 -7.55 -33.99
CA VAL A 58 -4.22 -8.23 -33.96
C VAL A 58 -4.34 -9.69 -34.40
N PHE A 59 -3.53 -10.07 -35.39
CA PHE A 59 -3.55 -11.43 -35.94
C PHE A 59 -2.30 -12.16 -35.53
N ILE A 60 -2.46 -13.39 -35.04
CA ILE A 60 -1.26 -14.21 -34.95
C ILE A 60 -1.31 -15.50 -35.79
N ASP A 61 -0.25 -15.67 -36.57
CA ASP A 61 -0.16 -16.70 -37.57
C ASP A 61 -1.35 -16.58 -38.54
N GLY A 62 -1.80 -15.35 -38.80
CA GLY A 62 -2.86 -15.13 -39.76
C GLY A 62 -4.29 -15.25 -39.21
N VAL A 63 -4.44 -15.58 -37.92
CA VAL A 63 -5.79 -15.61 -37.35
C VAL A 63 -6.03 -14.47 -36.32
N LYS A 64 -7.16 -13.78 -36.50
CA LYS A 64 -7.52 -12.64 -35.66
C LYS A 64 -7.79 -13.13 -34.25
N ILE A 65 -7.20 -12.46 -33.25
CA ILE A 65 -7.29 -12.97 -31.90
C ILE A 65 -8.11 -12.08 -31.00
N ASN A 66 -8.48 -10.90 -31.48
CA ASN A 66 -9.29 -9.97 -30.69
C ASN A 66 -10.70 -9.79 -31.25
N ASN A 67 -11.28 -10.89 -31.73
CA ASN A 67 -12.65 -10.88 -32.23
C ASN A 67 -13.55 -11.77 -31.40
N GLY A 68 -13.01 -12.30 -30.30
CA GLY A 68 -13.73 -13.21 -29.45
C GLY A 68 -14.06 -14.56 -30.09
N LYS A 69 -13.51 -14.81 -31.28
CA LYS A 69 -13.77 -16.05 -32.01
C LYS A 69 -12.58 -17.02 -32.02
N VAL A 70 -11.82 -17.09 -30.93
CA VAL A 70 -10.60 -17.91 -30.86
C VAL A 70 -10.33 -18.37 -29.43
N ASN A 71 -9.58 -19.46 -29.26
CA ASN A 71 -9.10 -19.85 -27.93
C ASN A 71 -7.80 -19.11 -27.56
N ILE A 72 -7.95 -18.12 -26.67
CA ILE A 72 -6.85 -17.22 -26.36
C ILE A 72 -5.73 -17.96 -25.63
N ASN A 73 -6.06 -19.04 -24.91
CA ASN A 73 -5.00 -19.79 -24.23
C ASN A 73 -4.00 -20.42 -25.20
N LYS A 74 -4.51 -20.98 -26.30
CA LYS A 74 -3.65 -21.66 -27.25
C LYS A 74 -2.78 -20.61 -27.89
N VAL A 75 -3.34 -19.42 -28.07
CA VAL A 75 -2.61 -18.31 -28.64
C VAL A 75 -1.44 -17.93 -27.73
N ARG A 76 -1.74 -17.68 -26.47
CA ARG A 76 -0.68 -17.29 -25.52
C ARG A 76 0.31 -18.42 -25.29
N GLN A 77 -0.06 -19.65 -25.62
CA GLN A 77 0.93 -20.71 -25.54
C GLN A 77 2.05 -20.46 -26.53
N LYS A 78 1.73 -19.87 -27.68
CA LYS A 78 2.73 -19.66 -28.74
C LYS A 78 3.51 -18.36 -28.53
N VAL A 79 2.92 -17.42 -27.81
CA VAL A 79 3.47 -16.07 -27.71
C VAL A 79 3.87 -15.78 -26.28
N GLY A 80 5.15 -15.99 -25.98
CA GLY A 80 5.72 -15.80 -24.66
C GLY A 80 5.89 -14.36 -24.28
N MET A 81 5.94 -14.09 -22.97
CA MET A 81 6.05 -12.73 -22.44
C MET A 81 6.95 -12.68 -21.21
N VAL A 82 7.89 -11.75 -21.21
CA VAL A 82 8.81 -11.61 -20.08
C VAL A 82 8.58 -10.25 -19.49
N PHE A 83 8.36 -10.19 -18.18
CA PHE A 83 7.81 -8.97 -17.58
C PHE A 83 8.83 -8.09 -16.86
N GLN A 84 8.63 -6.78 -16.92
CA GLN A 84 9.54 -5.89 -16.23
C GLN A 84 9.70 -6.28 -14.75
N HIS A 85 8.63 -6.68 -14.09
CA HIS A 85 8.73 -6.99 -12.66
C HIS A 85 8.75 -8.47 -12.33
N PHE A 86 9.22 -9.28 -13.29
CA PHE A 86 9.50 -10.71 -13.10
C PHE A 86 8.23 -11.58 -13.02
N ASN A 87 7.30 -11.26 -12.12
CA ASN A 87 6.09 -12.08 -11.98
C ASN A 87 6.40 -13.57 -11.81
N LEU A 88 7.42 -13.87 -11.03
CA LEU A 88 7.70 -15.24 -10.61
C LEU A 88 6.62 -15.68 -9.60
N PHE A 89 6.32 -16.97 -9.58
CA PHE A 89 5.38 -17.54 -8.60
C PHE A 89 6.11 -17.83 -7.27
N PRO A 90 5.85 -17.00 -6.23
CA PRO A 90 6.63 -17.02 -4.98
C PRO A 90 6.53 -18.32 -4.19
N HIS A 91 5.40 -19.01 -4.28
CA HIS A 91 5.20 -20.25 -3.52
C HIS A 91 5.80 -21.46 -4.22
N LEU A 92 6.31 -21.27 -5.44
CA LEU A 92 6.92 -22.36 -6.19
C LEU A 92 8.45 -22.23 -6.29
N THR A 93 9.09 -23.38 -6.17
CA THR A 93 10.53 -23.48 -6.34
C THR A 93 10.95 -23.16 -7.80
N ALA A 94 12.24 -22.95 -8.05
CA ALA A 94 12.73 -22.66 -9.41
C ALA A 94 12.22 -23.64 -10.46
N ILE A 95 12.52 -24.93 -10.28
CA ILE A 95 12.04 -25.95 -11.23
C ILE A 95 10.55 -25.88 -11.34
N GLU A 96 9.87 -25.75 -10.21
CA GLU A 96 8.40 -25.78 -10.19
C GLU A 96 7.81 -24.62 -10.98
N ASN A 97 8.42 -23.45 -10.84
CA ASN A 97 8.08 -22.31 -11.68
C ASN A 97 8.17 -22.74 -13.13
N ILE A 98 9.28 -23.40 -13.47
CA ILE A 98 9.48 -23.78 -14.87
C ILE A 98 8.48 -24.82 -15.41
N THR A 99 8.25 -25.88 -14.62
CA THR A 99 7.48 -27.05 -15.05
C THR A 99 5.98 -26.94 -14.86
N LEU A 100 5.53 -25.94 -14.09
CA LEU A 100 4.09 -25.80 -13.84
C LEU A 100 3.24 -25.85 -15.11
N ALA A 101 3.50 -24.94 -16.04
CA ALA A 101 2.69 -24.83 -17.26
C ALA A 101 2.84 -26.00 -18.23
N PRO A 102 4.07 -26.47 -18.49
CA PRO A 102 4.14 -27.62 -19.38
C PRO A 102 3.31 -28.80 -18.86
N VAL A 103 3.40 -29.06 -17.56
CA VAL A 103 2.65 -30.16 -16.95
C VAL A 103 1.15 -29.91 -16.99
N LYS A 104 0.73 -28.70 -16.67
CA LYS A 104 -0.68 -28.40 -16.57
C LYS A 104 -1.33 -27.97 -17.88
N VAL A 105 -0.55 -27.34 -18.76
CA VAL A 105 -1.11 -26.85 -20.02
C VAL A 105 -0.89 -27.84 -21.16
N LYS A 106 0.33 -28.36 -21.27
CA LYS A 106 0.65 -29.29 -22.35
C LYS A 106 0.43 -30.74 -21.93
N LYS A 107 0.29 -30.96 -20.63
CA LYS A 107 0.13 -32.31 -20.08
C LYS A 107 1.40 -33.13 -20.29
N MET A 108 2.56 -32.48 -20.26
CA MET A 108 3.82 -33.19 -20.39
C MET A 108 3.99 -34.14 -19.23
N ASN A 109 4.68 -35.24 -19.49
CA ASN A 109 5.05 -36.19 -18.46
C ASN A 109 6.05 -35.51 -17.53
N LYS A 110 5.93 -35.78 -16.25
CA LYS A 110 6.65 -35.04 -15.22
C LYS A 110 8.16 -35.20 -15.26
N LYS A 111 8.62 -36.40 -15.59
CA LYS A 111 10.08 -36.62 -15.66
C LYS A 111 10.63 -35.79 -16.81
N GLU A 112 9.87 -35.77 -17.89
CA GLU A 112 10.22 -35.01 -19.08
C GLU A 112 10.27 -33.52 -18.77
N ALA A 113 9.24 -33.04 -18.08
CA ALA A 113 9.20 -31.64 -17.66
C ALA A 113 10.41 -31.32 -16.83
N GLU A 114 10.74 -32.19 -15.88
CA GLU A 114 11.88 -31.95 -15.00
C GLU A 114 13.16 -31.86 -15.81
N GLU A 115 13.27 -32.68 -16.85
CA GLU A 115 14.48 -32.67 -17.69
C GLU A 115 14.60 -31.43 -18.58
N LEU A 116 13.47 -31.03 -19.18
CA LEU A 116 13.37 -29.78 -19.92
C LEU A 116 13.90 -28.67 -19.03
N ALA A 117 13.30 -28.62 -17.85
CA ALA A 117 13.58 -27.59 -16.86
C ALA A 117 15.05 -27.54 -16.48
N VAL A 118 15.67 -28.70 -16.26
CA VAL A 118 17.07 -28.69 -15.83
C VAL A 118 17.94 -28.22 -16.98
N ASP A 119 17.49 -28.53 -18.20
CA ASP A 119 18.22 -28.04 -19.35
C ASP A 119 18.17 -26.52 -19.40
N LEU A 120 16.97 -25.97 -19.26
CA LEU A 120 16.79 -24.52 -19.27
C LEU A 120 17.51 -23.79 -18.11
N LEU A 121 17.46 -24.37 -16.92
CA LEU A 121 18.19 -23.83 -15.77
C LEU A 121 19.67 -23.81 -16.07
N ALA A 122 20.16 -24.93 -16.61
CA ALA A 122 21.57 -25.02 -17.00
C ALA A 122 21.94 -23.97 -18.03
N LYS A 123 21.05 -23.75 -19.00
CA LYS A 123 21.31 -22.76 -20.05
C LYS A 123 21.44 -21.33 -19.49
N VAL A 124 20.52 -20.93 -18.61
CA VAL A 124 20.56 -19.56 -18.11
C VAL A 124 21.42 -19.45 -16.85
N GLY A 125 22.17 -20.51 -16.54
CA GLY A 125 23.09 -20.49 -15.41
C GLY A 125 22.46 -20.46 -14.03
N LEU A 126 21.40 -21.24 -13.81
CA LEU A 126 20.70 -21.26 -12.51
C LEU A 126 20.50 -22.68 -11.96
N LEU A 127 21.27 -23.65 -12.45
CA LEU A 127 21.07 -25.06 -12.11
C LEU A 127 21.17 -25.33 -10.61
N ASP A 128 22.10 -24.64 -9.95
CA ASP A 128 22.32 -24.82 -8.53
C ASP A 128 21.25 -24.10 -7.72
N LYS A 129 20.26 -23.54 -8.40
CA LYS A 129 19.21 -22.80 -7.70
C LYS A 129 17.88 -23.48 -7.93
N LYS A 130 17.91 -24.67 -8.52
CA LYS A 130 16.69 -25.32 -8.95
C LYS A 130 15.66 -25.48 -7.84
N ASP A 131 16.12 -25.71 -6.61
CA ASP A 131 15.21 -25.92 -5.48
C ASP A 131 15.08 -24.69 -4.57
N GLN A 132 15.60 -23.56 -5.02
CA GLN A 132 15.44 -22.32 -4.28
C GLN A 132 14.11 -21.68 -4.61
N TYR A 133 13.65 -20.79 -3.75
CA TYR A 133 12.43 -20.09 -4.00
C TYR A 133 12.77 -18.73 -4.53
N PRO A 134 11.78 -18.14 -5.31
CA PRO A 134 12.18 -16.84 -5.88
C PRO A 134 12.76 -15.85 -4.90
N ILE A 135 12.21 -15.78 -3.70
CA ILE A 135 12.66 -14.79 -2.75
C ILE A 135 14.16 -14.77 -2.61
N LYS A 136 14.79 -15.91 -2.74
CA LYS A 136 16.20 -16.04 -2.46
C LYS A 136 17.07 -15.66 -3.63
N LEU A 137 16.48 -15.17 -4.69
CA LEU A 137 17.24 -14.85 -5.87
C LEU A 137 17.44 -13.37 -6.00
N SER A 138 18.54 -12.99 -6.62
CA SER A 138 18.75 -11.60 -7.01
C SER A 138 17.86 -11.25 -8.21
N GLY A 139 17.79 -9.96 -8.54
CA GLY A 139 17.03 -9.51 -9.70
C GLY A 139 17.43 -10.22 -10.98
N GLY A 140 18.73 -10.23 -11.25
CA GLY A 140 19.25 -10.93 -12.39
C GLY A 140 18.81 -12.38 -12.42
N GLN A 141 19.02 -13.07 -11.30
CA GLN A 141 18.60 -14.46 -11.18
C GLN A 141 17.10 -14.65 -11.42
N LYS A 142 16.30 -13.73 -10.90
CA LYS A 142 14.86 -13.79 -11.07
C LYS A 142 14.47 -13.70 -12.55
N GLN A 143 15.08 -12.74 -13.26
CA GLN A 143 14.72 -12.54 -14.65
C GLN A 143 15.20 -13.71 -15.50
N ARG A 144 16.39 -14.22 -15.21
CA ARG A 144 16.88 -15.41 -15.91
C ARG A 144 15.96 -16.63 -15.68
N LEU A 145 15.46 -16.79 -14.46
CA LEU A 145 14.50 -17.85 -14.17
C LEU A 145 13.22 -17.63 -14.97
N ALA A 146 12.71 -16.41 -14.96
CA ALA A 146 11.48 -16.10 -15.70
C ALA A 146 11.68 -16.46 -17.18
N ILE A 147 12.83 -16.11 -17.74
CA ILE A 147 13.10 -16.41 -19.15
C ILE A 147 13.09 -17.93 -19.39
N ALA A 148 13.78 -18.67 -18.53
CA ALA A 148 13.72 -20.14 -18.57
C ALA A 148 12.26 -20.62 -18.56
N ARG A 149 11.47 -20.08 -17.64
CA ARG A 149 10.07 -20.46 -17.51
C ARG A 149 9.33 -20.24 -18.82
N ALA A 150 9.50 -19.07 -19.44
CA ALA A 150 8.79 -18.82 -20.68
C ALA A 150 9.28 -19.77 -21.79
N LEU A 151 10.58 -20.05 -21.83
CA LEU A 151 11.14 -20.94 -22.84
C LEU A 151 10.58 -22.35 -22.71
N ALA A 152 10.25 -22.77 -21.49
CA ALA A 152 9.74 -24.12 -21.26
C ALA A 152 8.47 -24.47 -22.06
N MET A 153 7.69 -23.47 -22.44
CA MET A 153 6.50 -23.69 -23.24
C MET A 153 6.82 -23.65 -24.73
N GLN A 154 8.11 -23.55 -25.01
CA GLN A 154 8.64 -23.46 -26.36
C GLN A 154 7.81 -22.58 -27.30
N PRO A 155 7.73 -21.25 -27.01
CA PRO A 155 6.92 -20.40 -27.87
C PRO A 155 7.64 -20.11 -29.18
N GLU A 156 6.92 -19.57 -30.14
CA GLU A 156 7.53 -19.26 -31.43
C GLU A 156 8.02 -17.83 -31.47
N VAL A 157 7.52 -17.01 -30.56
CA VAL A 157 8.00 -15.65 -30.44
C VAL A 157 8.03 -15.31 -28.95
N MET A 158 9.04 -14.54 -28.55
CA MET A 158 9.17 -14.09 -27.17
C MET A 158 8.98 -12.60 -27.13
N LEU A 159 8.11 -12.15 -26.24
CA LEU A 159 7.90 -10.74 -26.00
C LEU A 159 8.60 -10.37 -24.71
N PHE A 160 9.37 -9.27 -24.75
CA PHE A 160 10.09 -8.78 -23.59
C PHE A 160 9.67 -7.36 -23.31
N ASP A 161 9.01 -7.17 -22.19
CA ASP A 161 8.52 -5.86 -21.80
C ASP A 161 9.51 -5.23 -20.84
N GLU A 162 10.52 -4.54 -21.40
CA GLU A 162 11.53 -3.86 -20.58
C GLU A 162 12.12 -4.78 -19.49
N PRO A 163 12.71 -5.91 -19.89
CA PRO A 163 13.09 -6.92 -18.90
C PRO A 163 14.23 -6.56 -17.98
N THR A 164 14.94 -5.46 -18.20
CA THR A 164 16.04 -5.14 -17.28
C THR A 164 15.84 -3.83 -16.53
N SER A 165 14.75 -3.13 -16.82
CA SER A 165 14.51 -1.80 -16.25
C SER A 165 14.30 -1.73 -14.73
N ALA A 166 14.03 -2.85 -14.10
CA ALA A 166 13.87 -2.87 -12.66
C ALA A 166 15.11 -3.53 -12.05
N LEU A 167 16.12 -3.76 -12.86
CA LEU A 167 17.35 -4.37 -12.37
C LEU A 167 18.35 -3.31 -11.90
N ASP A 168 19.16 -3.66 -10.90
CA ASP A 168 20.31 -2.82 -10.56
C ASP A 168 21.29 -2.85 -11.73
N PRO A 169 22.11 -1.80 -11.87
CA PRO A 169 23.05 -1.67 -12.98
C PRO A 169 24.06 -2.84 -13.11
N GLU A 170 24.53 -3.38 -11.99
CA GLU A 170 25.47 -4.52 -12.02
C GLU A 170 24.78 -5.80 -12.50
N MET A 171 23.50 -5.71 -12.80
CA MET A 171 22.71 -6.90 -12.98
C MET A 171 22.16 -6.97 -14.39
N VAL A 172 22.20 -5.84 -15.09
CA VAL A 172 21.68 -5.74 -16.45
C VAL A 172 22.32 -6.68 -17.48
N LYS A 173 23.65 -6.70 -17.58
CA LYS A 173 24.36 -7.42 -18.64
C LYS A 173 23.93 -8.88 -18.72
N GLU A 174 23.91 -9.52 -17.54
CA GLU A 174 23.65 -10.94 -17.49
C GLU A 174 22.27 -11.28 -18.06
N VAL A 175 21.31 -10.37 -17.95
CA VAL A 175 20.03 -10.63 -18.57
C VAL A 175 20.11 -10.35 -20.08
N LEU A 176 20.70 -9.21 -20.43
CA LEU A 176 20.84 -8.84 -21.85
C LEU A 176 21.59 -9.92 -22.64
N ASN A 177 22.66 -10.46 -22.04
CA ASN A 177 23.39 -11.55 -22.68
C ASN A 177 22.50 -12.73 -23.01
N VAL A 178 21.66 -13.13 -22.05
CA VAL A 178 20.78 -14.26 -22.29
C VAL A 178 19.88 -13.91 -23.45
N MET A 179 19.36 -12.67 -23.44
CA MET A 179 18.52 -12.22 -24.54
C MET A 179 19.28 -12.35 -25.88
N LYS A 180 20.55 -11.95 -25.89
CA LYS A 180 21.35 -11.93 -27.10
C LYS A 180 21.55 -13.33 -27.60
N GLN A 181 21.77 -14.24 -26.66
CA GLN A 181 22.01 -15.61 -27.01
C GLN A 181 20.77 -16.11 -27.76
N LEU A 182 19.59 -15.78 -27.25
CA LEU A 182 18.34 -16.21 -27.89
C LEU A 182 18.26 -15.64 -29.28
N ALA A 183 18.71 -14.39 -29.43
CA ALA A 183 18.64 -13.76 -30.74
C ALA A 183 19.58 -14.52 -31.65
N ASN A 184 20.75 -14.89 -31.13
CA ASN A 184 21.73 -15.59 -31.94
C ASN A 184 21.28 -16.99 -32.32
N GLU A 185 20.26 -17.50 -31.65
CA GLU A 185 19.76 -18.83 -31.95
C GLU A 185 18.52 -18.80 -32.83
N GLY A 186 18.22 -17.62 -33.37
CA GLY A 186 17.14 -17.48 -34.31
C GLY A 186 15.77 -17.26 -33.70
N MET A 187 15.68 -17.11 -32.38
CA MET A 187 14.38 -16.84 -31.74
C MET A 187 13.76 -15.55 -32.24
N THR A 188 12.48 -15.57 -32.60
CA THR A 188 11.80 -14.34 -32.96
C THR A 188 11.50 -13.58 -31.69
N MET A 189 11.77 -12.27 -31.70
CA MET A 189 11.74 -11.47 -30.49
C MET A 189 11.17 -10.08 -30.76
N VAL A 190 10.33 -9.62 -29.86
CA VAL A 190 9.97 -8.21 -29.83
C VAL A 190 10.33 -7.67 -28.45
N VAL A 191 11.23 -6.70 -28.42
CA VAL A 191 11.79 -6.22 -27.16
C VAL A 191 11.50 -4.76 -27.05
N VAL A 192 10.90 -4.35 -25.93
CA VAL A 192 10.79 -2.95 -25.56
C VAL A 192 11.90 -2.69 -24.56
N THR A 193 12.77 -1.72 -24.81
CA THR A 193 13.92 -1.53 -23.93
C THR A 193 14.36 -0.08 -23.84
N HIS A 194 15.07 0.22 -22.76
CA HIS A 194 15.71 1.52 -22.60
C HIS A 194 17.19 1.35 -22.78
N GLU A 195 17.62 0.12 -23.03
CA GLU A 195 19.02 -0.21 -23.23
C GLU A 195 19.35 -0.18 -24.71
N MET A 196 19.86 0.97 -25.17
CA MET A 196 20.12 1.18 -26.60
C MET A 196 21.24 0.30 -27.13
N GLY A 197 22.13 -0.11 -26.24
CA GLY A 197 23.20 -1.01 -26.65
C GLY A 197 22.65 -2.30 -27.22
N PHE A 198 21.57 -2.81 -26.62
CA PHE A 198 20.95 -4.06 -27.04
C PHE A 198 20.35 -3.91 -28.44
N ALA A 199 19.68 -2.78 -28.64
CA ALA A 199 19.07 -2.48 -29.93
C ALA A 199 20.15 -2.41 -31.00
N ARG A 200 21.22 -1.67 -30.72
CA ARG A 200 22.36 -1.58 -31.64
C ARG A 200 22.94 -2.94 -31.95
N GLU A 201 23.23 -3.74 -30.93
CA GLU A 201 23.95 -4.99 -31.10
C GLU A 201 23.15 -6.14 -31.72
N VAL A 202 21.88 -6.28 -31.36
CA VAL A 202 21.14 -7.44 -31.89
C VAL A 202 19.79 -7.19 -32.53
N GLY A 203 19.37 -5.93 -32.58
CA GLY A 203 18.11 -5.63 -33.21
C GLY A 203 18.29 -5.81 -34.70
N ASP A 204 17.33 -6.43 -35.37
CA ASP A 204 17.35 -6.45 -36.82
C ASP A 204 16.63 -5.19 -37.23
N ARG A 205 15.67 -4.77 -36.42
CA ARG A 205 14.85 -3.64 -36.78
C ARG A 205 14.53 -2.85 -35.53
N VAL A 206 14.61 -1.53 -35.63
CA VAL A 206 14.36 -0.67 -34.47
C VAL A 206 13.18 0.25 -34.75
N ILE A 207 12.21 0.26 -33.85
CA ILE A 207 11.01 1.08 -34.03
C ILE A 207 11.06 2.28 -33.08
N PHE A 208 10.92 3.48 -33.60
CA PHE A 208 10.85 4.63 -32.69
C PHE A 208 9.42 5.15 -32.54
N MET A 209 8.93 5.11 -31.31
CA MET A 209 7.55 5.54 -31.02
C MET A 209 7.52 6.83 -30.23
N ASP A 210 6.56 7.68 -30.58
CA ASP A 210 6.32 8.93 -29.86
C ASP A 210 4.83 9.28 -29.88
N ASP A 211 4.34 9.76 -28.75
CA ASP A 211 2.93 10.12 -28.57
C ASP A 211 1.93 9.16 -29.25
N GLY A 212 2.08 7.88 -28.93
CA GLY A 212 1.15 6.85 -29.35
C GLY A 212 1.21 6.49 -30.82
N VAL A 213 2.30 6.82 -31.48
CA VAL A 213 2.41 6.51 -32.88
C VAL A 213 3.83 6.04 -33.15
N ILE A 214 4.01 5.20 -34.18
CA ILE A 214 5.34 4.90 -34.69
C ILE A 214 5.75 6.04 -35.61
N VAL A 215 6.79 6.79 -35.24
CA VAL A 215 7.16 7.94 -36.07
C VAL A 215 8.30 7.65 -37.04
N GLU A 216 9.09 6.63 -36.76
CA GLU A 216 10.19 6.24 -37.63
C GLU A 216 10.64 4.81 -37.30
N GLU A 217 11.04 4.05 -38.31
CA GLU A 217 11.65 2.74 -38.08
C GLU A 217 12.66 2.42 -39.16
N GLY A 218 13.52 1.45 -38.88
CA GLY A 218 14.55 1.07 -39.80
C GLY A 218 15.51 0.16 -39.08
N THR A 219 16.65 -0.12 -39.71
CA THR A 219 17.68 -0.98 -39.12
C THR A 219 18.32 -0.19 -37.98
N PRO A 220 19.05 -0.88 -37.09
CA PRO A 220 19.72 -0.16 -36.00
C PRO A 220 20.59 1.00 -36.50
N GLU A 221 21.36 0.75 -37.56
CA GLU A 221 22.32 1.75 -38.03
C GLU A 221 21.59 2.97 -38.59
N GLU A 222 20.47 2.73 -39.27
CA GLU A 222 19.61 3.81 -39.75
C GLU A 222 19.10 4.72 -38.62
N ILE A 223 18.51 4.12 -37.58
CA ILE A 223 17.96 4.90 -36.49
C ILE A 223 19.04 5.59 -35.66
N PHE A 224 20.09 4.88 -35.31
CA PHE A 224 21.12 5.41 -34.41
C PHE A 224 22.18 6.30 -35.09
N TYR A 225 22.32 6.23 -36.41
CA TYR A 225 23.36 7.01 -37.07
C TYR A 225 22.85 7.91 -38.19
N ARG A 226 21.65 7.63 -38.71
CA ARG A 226 21.18 8.36 -39.88
C ARG A 226 19.69 8.67 -39.82
N ALA A 227 19.15 8.85 -38.62
CA ALA A 227 17.74 9.10 -38.43
C ALA A 227 17.24 10.30 -39.23
N LYS A 228 16.20 10.05 -40.03
CA LYS A 228 15.66 11.09 -40.89
C LYS A 228 14.81 12.08 -40.12
N ASN A 229 14.07 11.58 -39.12
CA ASN A 229 13.08 12.39 -38.42
C ASN A 229 13.64 13.19 -37.24
N GLU A 230 13.03 14.34 -37.02
CA GLU A 230 13.48 15.30 -36.02
C GLU A 230 13.28 14.81 -34.58
N ARG A 231 12.11 14.25 -34.32
CA ARG A 231 11.77 13.72 -33.01
C ARG A 231 12.71 12.58 -32.60
N THR A 232 13.05 11.74 -33.58
CA THR A 232 13.97 10.65 -33.36
C THR A 232 15.33 11.17 -32.92
N ARG A 233 15.87 12.12 -33.68
CA ARG A 233 17.16 12.74 -33.37
C ARG A 233 17.14 13.38 -32.00
N GLU A 234 16.04 14.07 -31.68
CA GLU A 234 15.90 14.71 -30.39
C GLU A 234 15.97 13.74 -29.22
N PHE A 235 15.10 12.72 -29.29
CA PHE A 235 15.06 11.69 -28.26
C PHE A 235 16.43 11.10 -28.03
N LEU A 236 17.07 10.73 -29.15
CA LEU A 236 18.40 10.13 -29.13
C LEU A 236 19.45 11.07 -28.57
N SER A 237 19.30 12.36 -28.82
CA SER A 237 20.27 13.30 -28.35
C SER A 237 20.15 13.43 -26.82
N LYS A 238 18.92 13.32 -26.29
CA LYS A 238 18.76 13.34 -24.83
C LYS A 238 19.20 12.05 -24.16
N ILE A 239 19.19 10.94 -24.90
CA ILE A 239 19.37 9.63 -24.27
C ILE A 239 20.81 9.10 -24.34
N LEU A 240 21.49 9.38 -25.45
CA LEU A 240 22.79 8.80 -25.78
C LEU A 240 23.94 9.56 -25.13
N MET B 1 36.02 20.31 6.71
CA MET B 1 34.59 20.58 6.46
C MET B 1 33.63 19.43 6.78
N ILE B 2 33.84 18.27 6.16
CA ILE B 2 33.15 17.05 6.52
C ILE B 2 34.14 15.97 6.90
N PHE B 3 33.91 15.33 8.04
CA PHE B 3 34.76 14.22 8.50
C PHE B 3 33.90 13.12 9.09
N VAL B 4 33.64 12.10 8.31
CA VAL B 4 32.99 10.90 8.79
C VAL B 4 34.11 10.00 9.29
N ASN B 5 34.04 9.59 10.55
CA ASN B 5 35.17 8.90 11.19
C ASN B 5 34.81 7.51 11.66
N ASP B 6 35.24 6.51 10.90
CA ASP B 6 35.08 5.11 11.24
C ASP B 6 33.66 4.74 11.69
N VAL B 7 32.64 5.10 10.90
CA VAL B 7 31.27 4.82 11.34
C VAL B 7 30.74 3.45 10.96
N TYR B 8 29.80 2.98 11.77
CA TYR B 8 29.13 1.70 11.57
C TYR B 8 27.64 1.95 11.60
N LYS B 9 26.88 1.24 10.78
CA LYS B 9 25.44 1.33 10.88
C LYS B 9 24.81 -0.03 10.68
N ASN B 10 23.85 -0.36 11.55
CA ASN B 10 23.10 -1.59 11.46
C ASN B 10 21.63 -1.27 11.52
N PHE B 11 20.84 -1.87 10.65
CA PHE B 11 19.39 -1.85 10.83
C PHE B 11 18.98 -3.24 11.29
N GLY B 12 18.86 -3.41 12.60
CA GLY B 12 18.61 -4.72 13.17
C GLY B 12 19.78 -5.63 12.89
N SER B 13 19.47 -6.81 12.38
CA SER B 13 20.49 -7.79 12.07
C SER B 13 21.30 -7.44 10.80
N LEU B 14 20.85 -6.42 10.06
CA LEU B 14 21.49 -6.04 8.80
C LEU B 14 22.65 -5.10 9.02
N GLU B 15 23.86 -5.56 8.78
CA GLU B 15 25.00 -4.65 8.86
C GLU B 15 25.21 -3.92 7.54
N VAL B 16 24.99 -2.60 7.53
CA VAL B 16 25.08 -1.83 6.29
C VAL B 16 26.40 -1.12 6.15
N LEU B 17 26.77 -0.33 7.15
CA LEU B 17 28.09 0.32 7.17
C LEU B 17 28.98 -0.35 8.20
N LYS B 18 30.20 -0.73 7.79
CA LYS B 18 31.03 -1.56 8.64
C LYS B 18 32.38 -0.93 8.90
N GLY B 19 32.39 0.36 9.21
CA GLY B 19 33.62 1.07 9.47
C GLY B 19 34.05 1.88 8.26
N VAL B 20 33.43 3.05 8.10
CA VAL B 20 33.69 3.90 6.94
C VAL B 20 34.19 5.30 7.34
N THR B 21 35.18 5.79 6.61
CA THR B 21 35.76 7.10 6.86
C THR B 21 35.80 7.95 5.61
N LEU B 22 35.28 9.16 5.68
CA LEU B 22 35.22 10.03 4.53
C LEU B 22 35.57 11.47 4.89
N LYS B 23 36.53 12.07 4.20
CA LYS B 23 36.85 13.48 4.41
C LYS B 23 36.59 14.26 3.14
N VAL B 24 35.85 15.36 3.24
CA VAL B 24 35.70 16.22 2.06
C VAL B 24 35.88 17.68 2.41
N ASN B 25 36.69 18.37 1.61
CA ASN B 25 37.00 19.77 1.84
C ASN B 25 36.20 20.65 0.90
N LYS B 26 36.20 21.95 1.19
CA LYS B 26 35.46 22.92 0.41
C LYS B 26 35.85 22.89 -1.06
N GLY B 27 34.86 22.81 -1.95
CA GLY B 27 35.10 22.84 -3.38
C GLY B 27 35.25 21.49 -4.09
N GLU B 28 35.39 20.42 -3.32
CA GLU B 28 35.45 19.09 -3.93
C GLU B 28 34.09 18.61 -4.43
N VAL B 29 34.11 17.88 -5.53
CA VAL B 29 32.97 17.12 -5.96
C VAL B 29 33.34 15.65 -5.82
N VAL B 30 32.80 15.02 -4.78
CA VAL B 30 33.06 13.62 -4.48
C VAL B 30 31.89 12.75 -4.94
N VAL B 31 32.18 11.71 -5.71
CA VAL B 31 31.15 10.81 -6.23
C VAL B 31 31.34 9.41 -5.69
N ILE B 32 30.28 8.88 -5.06
CA ILE B 32 30.29 7.54 -4.49
C ILE B 32 29.54 6.57 -5.40
N ILE B 33 30.21 5.46 -5.74
CA ILE B 33 29.63 4.45 -6.61
C ILE B 33 29.78 3.07 -6.02
N GLY B 34 29.05 2.11 -6.55
CA GLY B 34 29.13 0.74 -6.04
C GLY B 34 27.88 -0.09 -6.28
N PRO B 35 27.98 -1.41 -6.06
CA PRO B 35 26.86 -2.32 -6.28
C PRO B 35 25.73 -2.02 -5.33
N SER B 36 24.53 -2.51 -5.63
CA SER B 36 23.39 -2.19 -4.79
C SER B 36 23.53 -2.78 -3.40
N GLY B 37 23.09 -2.04 -2.38
CA GLY B 37 23.14 -2.52 -1.02
C GLY B 37 24.50 -2.37 -0.35
N SER B 38 25.44 -1.68 -1.00
CA SER B 38 26.79 -1.50 -0.42
C SER B 38 26.89 -0.43 0.67
N GLY B 39 25.85 0.39 0.84
CA GLY B 39 25.84 1.36 1.92
C GLY B 39 26.04 2.80 1.52
N LYS B 40 26.06 3.05 0.20
CA LYS B 40 26.31 4.38 -0.35
C LYS B 40 25.38 5.47 0.22
N SER B 41 24.09 5.25 0.06
CA SER B 41 23.09 6.20 0.53
C SER B 41 23.09 6.34 2.04
N THR B 42 23.43 5.27 2.77
CA THR B 42 23.46 5.35 4.23
C THR B 42 24.64 6.22 4.70
N LEU B 43 25.79 6.03 4.09
CA LEU B 43 26.95 6.88 4.35
C LEU B 43 26.53 8.31 4.08
N LEU B 44 26.00 8.54 2.88
CA LEU B 44 25.56 9.87 2.50
C LEU B 44 24.69 10.48 3.60
N ARG B 45 23.75 9.70 4.10
CA ARG B 45 22.77 10.24 5.05
C ARG B 45 23.30 10.37 6.48
N CYS B 46 24.47 9.80 6.76
CA CYS B 46 25.15 10.07 8.03
C CYS B 46 25.68 11.50 8.12
N ILE B 47 25.93 12.10 6.97
CA ILE B 47 26.55 13.42 6.94
C ILE B 47 25.64 14.54 7.48
N ASN B 48 24.34 14.49 7.16
CA ASN B 48 23.42 15.45 7.73
C ASN B 48 22.53 14.76 8.76
N LEU B 49 23.01 13.62 9.26
CA LEU B 49 22.35 12.88 10.33
C LEU B 49 20.89 12.47 10.09
N LEU B 50 20.51 12.19 8.85
CA LEU B 50 19.23 11.55 8.57
C LEU B 50 19.30 10.07 8.97
N GLU B 51 20.51 9.53 9.03
CA GLU B 51 20.74 8.28 9.75
C GLU B 51 21.73 8.55 10.88
N GLU B 52 21.59 7.81 11.97
CA GLU B 52 22.51 7.93 13.09
C GLU B 52 23.46 6.75 13.14
N PRO B 53 24.76 7.04 13.13
CA PRO B 53 25.76 5.99 13.21
C PRO B 53 25.57 5.16 14.48
N THR B 54 25.78 3.86 14.40
CA THR B 54 25.74 2.99 15.56
C THR B 54 27.04 3.15 16.33
N LYS B 55 28.12 3.41 15.61
CA LYS B 55 29.42 3.75 16.18
C LYS B 55 30.11 4.71 15.25
N GLY B 56 31.23 5.26 15.72
CA GLY B 56 31.97 6.24 14.94
C GLY B 56 31.33 7.60 15.09
N GLU B 57 31.97 8.61 14.54
CA GLU B 57 31.49 9.97 14.72
C GLU B 57 31.48 10.70 13.39
N VAL B 58 30.63 11.72 13.28
CA VAL B 58 30.70 12.63 12.14
C VAL B 58 30.84 14.10 12.57
N PHE B 59 31.86 14.77 12.04
CA PHE B 59 32.16 16.16 12.34
C PHE B 59 31.84 17.00 11.12
N ILE B 60 31.06 18.07 11.29
CA ILE B 60 31.01 19.05 10.22
C ILE B 60 31.48 20.43 10.70
N ASP B 61 32.40 21.01 9.91
CA ASP B 61 33.11 22.23 10.29
C ASP B 61 33.88 22.04 11.59
N GLY B 62 34.35 20.81 11.83
CA GLY B 62 35.19 20.49 12.97
C GLY B 62 34.47 20.18 14.27
N VAL B 63 33.15 20.31 14.29
CA VAL B 63 32.38 19.97 15.49
C VAL B 63 31.53 18.71 15.31
N LYS B 64 31.62 17.82 16.29
CA LYS B 64 30.91 16.54 16.28
C LYS B 64 29.40 16.74 16.35
N ILE B 65 28.66 16.09 15.47
CA ILE B 65 27.22 16.33 15.39
C ILE B 65 26.36 15.13 15.80
N ASN B 66 26.99 13.99 16.10
CA ASN B 66 26.19 12.85 16.57
C ASN B 66 26.39 12.47 18.05
N ASN B 67 26.56 13.48 18.90
CA ASN B 67 26.65 13.28 20.35
C ASN B 67 25.53 14.00 21.11
N GLY B 68 24.57 14.54 20.36
CA GLY B 68 23.46 15.25 20.96
C GLY B 68 23.81 16.54 21.68
N LYS B 69 25.05 16.99 21.54
CA LYS B 69 25.48 18.21 22.21
C LYS B 69 25.54 19.38 21.22
N VAL B 70 24.58 19.40 20.29
CA VAL B 70 24.56 20.41 19.24
C VAL B 70 23.12 20.65 18.77
N ASN B 71 22.88 21.83 18.20
CA ASN B 71 21.60 22.10 17.56
C ASN B 71 21.60 21.54 16.15
N ILE B 72 20.88 20.43 15.96
CA ILE B 72 20.97 19.69 14.71
C ILE B 72 20.34 20.44 13.54
N ASN B 73 19.34 21.28 13.82
CA ASN B 73 18.66 22.02 12.78
C ASN B 73 19.60 22.99 12.09
N LYS B 74 20.34 23.72 12.90
CA LYS B 74 21.33 24.64 12.39
C LYS B 74 22.41 23.89 11.61
N VAL B 75 22.72 22.65 12.00
CA VAL B 75 23.66 21.84 11.23
C VAL B 75 23.09 21.59 9.83
N ARG B 76 21.85 21.09 9.79
CA ARG B 76 21.18 20.81 8.53
C ARG B 76 20.92 22.04 7.67
N GLN B 77 20.95 23.22 8.28
CA GLN B 77 20.85 24.48 7.53
C GLN B 77 22.03 24.63 6.59
N LYS B 78 23.17 24.08 6.99
CA LYS B 78 24.41 24.20 6.24
C LYS B 78 24.57 23.10 5.17
N VAL B 79 23.93 21.96 5.40
CA VAL B 79 24.15 20.76 4.58
C VAL B 79 22.90 20.34 3.80
N GLY B 80 22.79 20.78 2.56
CA GLY B 80 21.62 20.46 1.77
C GLY B 80 21.54 18.99 1.34
N MET B 81 20.33 18.56 1.05
CA MET B 81 20.10 17.18 0.66
C MET B 81 19.08 17.12 -0.45
N VAL B 82 19.42 16.37 -1.49
CA VAL B 82 18.56 16.19 -2.64
C VAL B 82 18.20 14.71 -2.74
N PHE B 83 16.90 14.43 -2.81
CA PHE B 83 16.42 13.07 -2.59
C PHE B 83 16.10 12.34 -3.90
N GLN B 84 16.32 11.04 -3.91
CA GLN B 84 16.01 10.24 -5.10
C GLN B 84 14.58 10.44 -5.55
N HIS B 85 13.65 10.49 -4.59
CA HIS B 85 12.24 10.59 -4.94
C HIS B 85 11.66 11.97 -4.71
N PHE B 86 12.53 12.99 -4.77
CA PHE B 86 12.15 14.40 -4.80
C PHE B 86 11.68 14.95 -3.47
N ASN B 87 10.67 14.31 -2.87
CA ASN B 87 10.12 14.78 -1.61
C ASN B 87 9.72 16.26 -1.69
N LEU B 88 9.07 16.63 -2.79
CA LEU B 88 8.44 17.93 -2.89
C LEU B 88 7.22 17.94 -1.99
N PHE B 89 6.93 19.11 -1.42
CA PHE B 89 5.73 19.32 -0.59
C PHE B 89 4.57 19.58 -1.54
N PRO B 90 3.66 18.60 -1.65
CA PRO B 90 2.62 18.63 -2.70
C PRO B 90 1.62 19.79 -2.53
N HIS B 91 1.36 20.17 -1.29
CA HIS B 91 0.33 21.19 -1.03
C HIS B 91 0.90 22.60 -1.25
N LEU B 92 2.19 22.70 -1.54
CA LEU B 92 2.80 24.00 -1.75
C LEU B 92 3.12 24.18 -3.21
N THR B 93 2.91 25.39 -3.68
CA THR B 93 3.25 25.77 -5.04
C THR B 93 4.79 25.74 -5.19
N ALA B 94 5.30 25.85 -6.43
CA ALA B 94 6.77 25.93 -6.64
C ALA B 94 7.49 26.99 -5.78
N ILE B 95 7.11 28.27 -5.93
CA ILE B 95 7.73 29.33 -5.13
C ILE B 95 7.61 29.03 -3.66
N GLU B 96 6.43 28.58 -3.25
CA GLU B 96 6.18 28.32 -1.83
C GLU B 96 7.07 27.22 -1.30
N ASN B 97 7.27 26.19 -2.13
CA ASN B 97 8.21 25.13 -1.83
C ASN B 97 9.57 25.75 -1.54
N ILE B 98 10.00 26.65 -2.42
CA ILE B 98 11.34 27.26 -2.28
C ILE B 98 11.51 28.18 -1.05
N THR B 99 10.52 29.03 -0.82
CA THR B 99 10.62 30.09 0.18
C THR B 99 10.23 29.61 1.56
N LEU B 100 9.62 28.43 1.65
CA LEU B 100 9.16 27.93 2.95
C LEU B 100 10.24 27.98 4.03
N ALA B 101 11.37 27.34 3.78
CA ALA B 101 12.41 27.27 4.82
C ALA B 101 13.08 28.59 5.15
N PRO B 102 13.47 29.40 4.11
CA PRO B 102 14.10 30.69 4.46
C PRO B 102 13.22 31.58 5.34
N VAL B 103 11.94 31.68 5.00
CA VAL B 103 11.03 32.52 5.76
C VAL B 103 10.85 32.01 7.19
N LYS B 104 10.68 30.71 7.35
CA LYS B 104 10.39 30.15 8.66
C LYS B 104 11.64 29.78 9.48
N VAL B 105 12.73 29.48 8.81
CA VAL B 105 13.95 29.07 9.51
C VAL B 105 14.91 30.25 9.67
N LYS B 106 15.13 30.99 8.58
CA LYS B 106 16.06 32.13 8.58
C LYS B 106 15.37 33.43 8.90
N LYS B 107 14.04 33.41 8.85
CA LYS B 107 13.23 34.60 9.15
C LYS B 107 13.41 35.70 8.13
N MET B 108 13.71 35.31 6.91
CA MET B 108 13.82 36.26 5.82
C MET B 108 12.50 36.95 5.55
N ASN B 109 12.60 38.19 5.10
CA ASN B 109 11.45 38.99 4.70
C ASN B 109 10.82 38.36 3.46
N LYS B 110 9.50 38.42 3.34
CA LYS B 110 8.82 37.68 2.28
C LYS B 110 9.20 38.18 0.88
N LYS B 111 9.39 39.47 0.68
CA LYS B 111 9.80 39.98 -0.63
C LYS B 111 11.20 39.52 -1.00
N GLU B 112 12.08 39.50 -0.01
CA GLU B 112 13.44 39.04 -0.22
C GLU B 112 13.41 37.56 -0.65
N ALA B 113 12.66 36.76 0.11
CA ALA B 113 12.48 35.34 -0.18
C ALA B 113 11.90 35.12 -1.57
N GLU B 114 10.89 35.91 -1.92
CA GLU B 114 10.26 35.79 -3.22
C GLU B 114 11.24 36.07 -4.34
N GLU B 115 12.14 37.03 -4.11
CA GLU B 115 13.12 37.40 -5.12
C GLU B 115 14.20 36.33 -5.29
N LEU B 116 14.65 35.80 -4.15
CA LEU B 116 15.55 34.64 -4.14
C LEU B 116 14.93 33.54 -4.99
N ALA B 117 13.69 33.19 -4.65
CA ALA B 117 12.98 32.13 -5.34
C ALA B 117 12.88 32.35 -6.84
N VAL B 118 12.60 33.58 -7.26
CA VAL B 118 12.54 33.77 -8.72
C VAL B 118 13.92 33.67 -9.37
N ASP B 119 14.98 34.06 -8.65
CA ASP B 119 16.32 33.88 -9.20
C ASP B 119 16.61 32.41 -9.37
N LEU B 120 16.37 31.64 -8.31
CA LEU B 120 16.64 30.21 -8.38
C LEU B 120 15.79 29.52 -9.45
N LEU B 121 14.51 29.87 -9.54
CA LEU B 121 13.67 29.29 -10.58
C LEU B 121 14.22 29.59 -11.97
N ALA B 122 14.63 30.84 -12.22
CA ALA B 122 15.24 31.18 -13.52
C ALA B 122 16.49 30.36 -13.79
N LYS B 123 17.28 30.17 -12.73
CA LYS B 123 18.54 29.45 -12.82
C LYS B 123 18.32 27.99 -13.24
N VAL B 124 17.35 27.31 -12.64
CA VAL B 124 17.13 25.91 -12.98
C VAL B 124 16.13 25.73 -14.12
N GLY B 125 15.76 26.83 -14.78
CA GLY B 125 14.85 26.79 -15.92
C GLY B 125 13.41 26.44 -15.59
N LEU B 126 12.87 26.98 -14.48
CA LEU B 126 11.51 26.65 -14.04
C LEU B 126 10.64 27.87 -13.77
N LEU B 127 11.03 29.02 -14.30
CA LEU B 127 10.36 30.29 -14.00
C LEU B 127 8.88 30.26 -14.36
N ASP B 128 8.56 29.62 -15.48
CA ASP B 128 7.17 29.58 -15.95
C ASP B 128 6.30 28.59 -15.16
N LYS B 129 6.88 28.01 -14.11
CA LYS B 129 6.18 27.05 -13.28
C LYS B 129 6.07 27.56 -11.85
N LYS B 130 6.42 28.80 -11.60
CA LYS B 130 6.50 29.30 -10.23
C LYS B 130 5.24 29.09 -9.43
N ASP B 131 4.10 29.19 -10.08
CA ASP B 131 2.85 29.12 -9.37
C ASP B 131 2.20 27.78 -9.53
N GLN B 132 2.91 26.83 -10.11
CA GLN B 132 2.35 25.54 -10.35
C GLN B 132 2.59 24.62 -9.20
N TYR B 133 1.84 23.52 -9.17
CA TYR B 133 1.97 22.56 -8.11
C TYR B 133 2.74 21.36 -8.58
N PRO B 134 3.47 20.76 -7.68
CA PRO B 134 4.33 19.61 -8.01
C PRO B 134 3.70 18.56 -8.90
N ILE B 135 2.42 18.31 -8.71
CA ILE B 135 1.68 17.29 -9.46
C ILE B 135 1.67 17.62 -10.95
N LYS B 136 1.92 18.88 -11.29
CA LYS B 136 1.88 19.30 -12.68
C LYS B 136 3.26 19.23 -13.35
N LEU B 137 4.28 18.92 -12.55
CA LEU B 137 5.64 18.91 -13.06
C LEU B 137 6.08 17.51 -13.46
N SER B 138 6.93 17.42 -14.47
CA SER B 138 7.58 16.17 -14.82
C SER B 138 8.66 15.82 -13.79
N GLY B 139 9.20 14.61 -13.91
CA GLY B 139 10.28 14.18 -13.04
C GLY B 139 11.47 15.11 -13.06
N GLY B 140 11.95 15.44 -14.26
CA GLY B 140 13.05 16.39 -14.42
C GLY B 140 12.74 17.73 -13.75
N GLN B 141 11.58 18.29 -14.06
CA GLN B 141 11.14 19.52 -13.44
C GLN B 141 11.03 19.38 -11.91
N LYS B 142 10.59 18.23 -11.43
CA LYS B 142 10.47 18.06 -9.98
C LYS B 142 11.84 18.14 -9.35
N GLN B 143 12.78 17.41 -9.91
CA GLN B 143 14.10 17.33 -9.30
C GLN B 143 14.83 18.66 -9.38
N ARG B 144 14.67 19.36 -10.50
CA ARG B 144 15.20 20.72 -10.62
C ARG B 144 14.55 21.69 -9.60
N LEU B 145 13.25 21.53 -9.36
CA LEU B 145 12.58 22.33 -8.32
C LEU B 145 13.13 22.03 -6.92
N ALA B 146 13.29 20.74 -6.60
CA ALA B 146 13.86 20.35 -5.31
C ALA B 146 15.24 20.98 -5.16
N ILE B 147 16.03 20.97 -6.23
CA ILE B 147 17.36 21.59 -6.19
C ILE B 147 17.28 23.09 -5.94
N ALA B 148 16.39 23.78 -6.66
CA ALA B 148 16.16 25.21 -6.38
C ALA B 148 15.89 25.42 -4.87
N ARG B 149 14.95 24.64 -4.35
CA ARG B 149 14.56 24.70 -2.95
C ARG B 149 15.74 24.51 -2.00
N ALA B 150 16.58 23.52 -2.26
CA ALA B 150 17.73 23.31 -1.38
C ALA B 150 18.70 24.49 -1.45
N LEU B 151 18.90 25.01 -2.66
CA LEU B 151 19.85 26.11 -2.86
C LEU B 151 19.37 27.36 -2.15
N ALA B 152 18.05 27.52 -2.05
CA ALA B 152 17.45 28.71 -1.40
C ALA B 152 17.91 28.90 0.04
N MET B 153 18.37 27.83 0.68
CA MET B 153 18.92 27.90 2.02
C MET B 153 20.41 28.18 2.01
N GLN B 154 20.94 28.43 0.80
CA GLN B 154 22.36 28.72 0.59
C GLN B 154 23.29 27.85 1.44
N PRO B 155 23.30 26.54 1.17
CA PRO B 155 24.14 25.67 2.01
C PRO B 155 25.61 25.71 1.59
N GLU B 156 26.49 25.16 2.41
CA GLU B 156 27.91 25.17 2.08
C GLU B 156 28.33 23.86 1.39
N VAL B 157 27.51 22.84 1.54
CA VAL B 157 27.70 21.57 0.85
C VAL B 157 26.34 21.01 0.43
N MET B 158 26.29 20.39 -0.73
CA MET B 158 25.07 19.76 -1.18
C MET B 158 25.28 18.24 -1.25
N LEU B 159 24.34 17.51 -0.67
CA LEU B 159 24.34 16.06 -0.76
C LEU B 159 23.29 15.62 -1.77
N PHE B 160 23.68 14.72 -2.66
CA PHE B 160 22.76 14.18 -3.67
C PHE B 160 22.64 12.66 -3.55
N ASP B 161 21.46 12.19 -3.17
CA ASP B 161 21.22 10.76 -3.01
C ASP B 161 20.55 10.17 -4.26
N GLU B 162 21.37 9.76 -5.23
CA GLU B 162 20.87 9.16 -6.48
C GLU B 162 19.75 9.97 -7.12
N PRO B 163 20.04 11.24 -7.45
CA PRO B 163 18.99 12.21 -7.81
C PRO B 163 18.35 11.99 -9.17
N THR B 164 18.87 11.07 -9.97
CA THR B 164 18.29 10.78 -11.29
C THR B 164 17.82 9.34 -11.43
N SER B 165 17.98 8.54 -10.38
CA SER B 165 17.64 7.12 -10.44
C SER B 165 16.16 6.89 -10.69
N ALA B 166 15.32 7.85 -10.38
CA ALA B 166 13.89 7.66 -10.57
C ALA B 166 13.40 8.43 -11.78
N LEU B 167 14.33 8.93 -12.58
CA LEU B 167 13.95 9.69 -13.77
C LEU B 167 13.89 8.83 -15.03
N ASP B 168 12.97 9.16 -15.92
CA ASP B 168 12.96 8.55 -17.25
C ASP B 168 14.25 8.94 -17.96
N PRO B 169 14.70 8.13 -18.92
CA PRO B 169 15.99 8.43 -19.56
C PRO B 169 16.08 9.81 -20.21
N GLU B 170 15.03 10.24 -20.92
CA GLU B 170 15.02 11.54 -21.61
C GLU B 170 15.07 12.70 -20.64
N MET B 171 15.16 12.37 -19.35
CA MET B 171 14.95 13.33 -18.29
C MET B 171 16.19 13.41 -17.45
N VAL B 172 17.08 12.44 -17.59
CA VAL B 172 18.29 12.46 -16.76
C VAL B 172 19.19 13.71 -16.97
N LYS B 173 19.51 13.99 -18.23
CA LYS B 173 20.52 15.00 -18.60
C LYS B 173 20.27 16.34 -17.95
N GLU B 174 19.01 16.79 -18.04
CA GLU B 174 18.66 18.14 -17.59
C GLU B 174 18.93 18.31 -16.10
N VAL B 175 18.82 17.22 -15.35
CA VAL B 175 19.12 17.28 -13.92
C VAL B 175 20.63 17.26 -13.75
N LEU B 176 21.31 16.35 -14.47
CA LEU B 176 22.77 16.26 -14.40
C LEU B 176 23.42 17.60 -14.77
N ASN B 177 22.88 18.25 -15.79
CA ASN B 177 23.42 19.54 -16.18
C ASN B 177 23.38 20.53 -15.02
N VAL B 178 22.24 20.58 -14.32
CA VAL B 178 22.13 21.53 -13.23
C VAL B 178 23.21 21.19 -12.23
N MET B 179 23.35 19.90 -11.93
CA MET B 179 24.38 19.50 -10.98
C MET B 179 25.79 19.97 -11.43
N LYS B 180 26.05 19.82 -12.73
CA LYS B 180 27.37 20.09 -13.26
C LYS B 180 27.63 21.57 -13.14
N GLN B 181 26.57 22.36 -13.35
CA GLN B 181 26.74 23.79 -13.27
C GLN B 181 27.20 24.13 -11.86
N LEU B 182 26.55 23.51 -10.87
CA LEU B 182 26.93 23.75 -9.50
C LEU B 182 28.39 23.37 -9.29
N ALA B 183 28.83 22.29 -9.94
CA ALA B 183 30.21 21.81 -9.77
C ALA B 183 31.15 22.83 -10.36
N ASN B 184 30.78 23.38 -11.51
CA ASN B 184 31.61 24.38 -12.16
C ASN B 184 31.67 25.71 -11.38
N GLU B 185 30.74 25.90 -10.45
CA GLU B 185 30.70 27.11 -9.65
C GLU B 185 31.31 26.91 -8.28
N GLY B 186 32.00 25.79 -8.09
CA GLY B 186 32.73 25.60 -6.86
C GLY B 186 31.94 25.05 -5.68
N MET B 187 30.67 24.72 -5.91
CA MET B 187 29.84 24.13 -4.87
C MET B 187 30.43 22.82 -4.36
N THR B 188 30.50 22.66 -3.04
CA THR B 188 30.96 21.40 -2.48
C THR B 188 29.82 20.37 -2.57
N MET B 189 30.13 19.16 -3.06
CA MET B 189 29.10 18.20 -3.40
C MET B 189 29.52 16.79 -3.03
N VAL B 190 28.57 16.05 -2.46
CA VAL B 190 28.75 14.61 -2.34
C VAL B 190 27.56 13.95 -3.04
N VAL B 191 27.87 13.16 -4.06
CA VAL B 191 26.86 12.60 -4.96
C VAL B 191 26.95 11.09 -4.97
N VAL B 192 25.86 10.40 -4.66
CA VAL B 192 25.79 8.95 -4.87
C VAL B 192 25.03 8.78 -6.16
N THR B 193 25.62 8.12 -7.14
CA THR B 193 24.99 8.06 -8.45
C THR B 193 25.30 6.77 -9.16
N HIS B 194 24.49 6.45 -10.17
CA HIS B 194 24.76 5.31 -11.03
C HIS B 194 25.22 5.85 -12.38
N GLU B 195 25.25 7.16 -12.52
CA GLU B 195 25.62 7.79 -13.78
C GLU B 195 27.11 8.13 -13.79
N MET B 196 27.92 7.26 -14.36
CA MET B 196 29.37 7.45 -14.31
C MET B 196 29.82 8.70 -15.06
N GLY B 197 29.06 9.11 -16.08
CA GLY B 197 29.35 10.31 -16.87
C GLY B 197 29.49 11.57 -16.00
N PHE B 198 28.69 11.65 -14.94
CA PHE B 198 28.78 12.81 -14.07
C PHE B 198 30.13 12.83 -13.38
N ALA B 199 30.53 11.66 -12.87
CA ALA B 199 31.83 11.57 -12.20
C ALA B 199 32.95 11.95 -13.17
N ARG B 200 32.92 11.37 -14.37
CA ARG B 200 33.87 11.67 -15.41
C ARG B 200 33.95 13.16 -15.71
N GLU B 201 32.81 13.79 -15.89
CA GLU B 201 32.80 15.16 -16.34
C GLU B 201 33.20 16.17 -15.26
N VAL B 202 32.75 15.98 -14.01
CA VAL B 202 33.04 17.01 -13.00
C VAL B 202 33.47 16.48 -11.62
N GLY B 203 33.60 15.16 -11.49
CA GLY B 203 34.01 14.60 -10.22
C GLY B 203 35.48 14.92 -9.93
N ASP B 204 35.77 15.29 -8.69
CA ASP B 204 37.16 15.42 -8.26
C ASP B 204 37.64 14.08 -7.73
N ARG B 205 36.74 13.31 -7.17
CA ARG B 205 37.13 12.07 -6.52
C ARG B 205 36.04 11.00 -6.63
N VAL B 206 36.45 9.75 -6.85
CA VAL B 206 35.47 8.66 -6.91
C VAL B 206 35.72 7.68 -5.77
N ILE B 207 34.66 7.41 -5.02
CA ILE B 207 34.71 6.50 -3.89
C ILE B 207 33.95 5.24 -4.28
N PHE B 208 34.61 4.09 -4.21
CA PHE B 208 33.94 2.84 -4.51
C PHE B 208 33.68 2.06 -3.24
N MET B 209 32.40 1.77 -3.01
CA MET B 209 31.96 1.03 -1.85
C MET B 209 31.48 -0.36 -2.22
N ASP B 210 31.80 -1.33 -1.38
CA ASP B 210 31.33 -2.70 -1.53
C ASP B 210 31.18 -3.29 -0.14
N ASP B 211 30.10 -4.05 0.07
CA ASP B 211 29.78 -4.65 1.38
C ASP B 211 30.07 -3.77 2.60
N GLY B 212 29.55 -2.55 2.60
CA GLY B 212 29.65 -1.68 3.75
C GLY B 212 31.04 -1.13 4.03
N VAL B 213 31.88 -1.13 3.02
CA VAL B 213 33.23 -0.59 3.19
C VAL B 213 33.65 0.19 1.96
N ILE B 214 34.49 1.20 2.14
CA ILE B 214 35.15 1.83 1.00
C ILE B 214 36.33 0.96 0.60
N VAL B 215 36.29 0.35 -0.58
CA VAL B 215 37.37 -0.56 -0.95
C VAL B 215 38.42 0.09 -1.83
N GLU B 216 38.06 1.17 -2.51
CA GLU B 216 39.00 1.87 -3.37
C GLU B 216 38.52 3.29 -3.67
N GLU B 217 39.45 4.23 -3.76
CA GLU B 217 39.11 5.60 -4.16
C GLU B 217 40.23 6.24 -4.92
N GLY B 218 39.90 7.30 -5.65
CA GLY B 218 40.89 8.00 -6.44
C GLY B 218 40.20 8.98 -7.36
N THR B 219 40.94 9.58 -8.27
CA THR B 219 40.31 10.46 -9.22
C THR B 219 39.49 9.62 -10.19
N PRO B 220 38.54 10.26 -10.90
CA PRO B 220 37.74 9.50 -11.86
C PRO B 220 38.57 8.71 -12.88
N GLU B 221 39.60 9.29 -13.48
CA GLU B 221 40.33 8.54 -14.49
C GLU B 221 41.11 7.38 -13.86
N GLU B 222 41.63 7.61 -12.65
CA GLU B 222 42.27 6.53 -11.88
C GLU B 222 41.33 5.35 -11.70
N ILE B 223 40.12 5.62 -11.18
CA ILE B 223 39.13 4.56 -10.96
C ILE B 223 38.60 3.92 -12.27
N PHE B 224 38.33 4.72 -13.29
CA PHE B 224 37.69 4.23 -14.51
C PHE B 224 38.63 3.59 -15.53
N TYR B 225 39.94 3.80 -15.39
CA TYR B 225 40.89 3.24 -16.34
C TYR B 225 41.99 2.42 -15.70
N ARG B 226 42.16 2.59 -14.40
CA ARG B 226 43.34 2.02 -13.76
C ARG B 226 43.01 1.48 -12.37
N ALA B 227 41.79 0.99 -12.20
CA ALA B 227 41.34 0.46 -10.91
C ALA B 227 42.27 -0.65 -10.41
N LYS B 228 42.79 -0.51 -9.20
CA LYS B 228 43.71 -1.52 -8.68
C LYS B 228 42.99 -2.75 -8.16
N ASN B 229 41.88 -2.53 -7.46
CA ASN B 229 41.24 -3.61 -6.70
C ASN B 229 40.29 -4.51 -7.51
N GLU B 230 40.23 -5.80 -7.14
CA GLU B 230 39.51 -6.78 -7.96
C GLU B 230 38.01 -6.52 -7.95
N ARG B 231 37.47 -6.16 -6.79
CA ARG B 231 36.05 -5.84 -6.68
C ARG B 231 35.67 -4.61 -7.53
N THR B 232 36.53 -3.60 -7.52
CA THR B 232 36.31 -2.40 -8.31
C THR B 232 36.23 -2.80 -9.77
N ARG B 233 37.19 -3.61 -10.20
CA ARG B 233 37.24 -4.11 -11.57
C ARG B 233 36.02 -4.91 -11.98
N GLU B 234 35.57 -5.78 -11.09
CA GLU B 234 34.42 -6.61 -11.34
C GLU B 234 33.17 -5.76 -11.55
N PHE B 235 32.93 -4.89 -10.57
CA PHE B 235 31.82 -3.95 -10.61
C PHE B 235 31.84 -3.10 -11.87
N LEU B 236 32.99 -2.51 -12.20
CA LEU B 236 33.11 -1.66 -13.37
C LEU B 236 32.89 -2.45 -14.65
N SER B 237 33.31 -3.70 -14.66
CA SER B 237 33.13 -4.51 -15.84
C SER B 237 31.65 -4.87 -16.05
N LYS B 238 30.90 -5.06 -14.97
CA LYS B 238 29.45 -5.26 -15.13
C LYS B 238 28.73 -3.95 -15.47
N ILE B 239 29.34 -2.83 -15.08
CA ILE B 239 28.75 -1.49 -15.20
C ILE B 239 29.15 -0.54 -16.36
N LEU B 240 30.40 -0.56 -16.81
CA LEU B 240 30.83 0.40 -17.83
C LEU B 240 30.45 -0.05 -19.22
N MET C 1 -49.35 -13.21 12.99
CA MET C 1 -50.42 -13.59 12.08
C MET C 1 -49.86 -13.83 10.68
N THR C 2 -50.14 -12.89 9.78
CA THR C 2 -49.47 -12.80 8.49
C THR C 2 -48.99 -11.35 8.32
N VAL C 3 -48.05 -11.12 7.42
CA VAL C 3 -47.39 -9.81 7.33
C VAL C 3 -48.34 -8.69 6.87
N ASP C 4 -48.23 -7.52 7.49
CA ASP C 4 -49.09 -6.38 7.17
C ASP C 4 -48.27 -5.12 7.28
N PHE C 5 -47.69 -4.66 6.18
CA PHE C 5 -46.86 -3.46 6.24
C PHE C 5 -47.71 -2.18 6.23
N LEU C 6 -48.96 -2.30 5.75
CA LEU C 6 -49.81 -1.12 5.67
C LEU C 6 -50.17 -0.64 7.07
N SER C 7 -50.37 -1.60 7.98
CA SER C 7 -50.68 -1.30 9.38
C SER C 7 -49.57 -0.48 10.00
N MET C 8 -48.38 -0.63 9.44
CA MET C 8 -47.17 0.03 9.90
C MET C 8 -47.13 1.50 9.50
N VAL C 9 -47.82 1.83 8.40
CA VAL C 9 -47.81 3.19 7.85
C VAL C 9 -48.09 4.27 8.89
N LYS C 10 -49.13 4.05 9.68
CA LYS C 10 -49.59 5.00 10.69
C LYS C 10 -48.54 5.29 11.75
N TYR C 11 -47.52 4.44 11.82
CA TYR C 11 -46.47 4.60 12.82
C TYR C 11 -45.27 5.38 12.29
N THR C 12 -45.38 5.85 11.04
CA THR C 12 -44.36 6.68 10.43
C THR C 12 -43.78 7.76 11.36
N PRO C 13 -44.64 8.50 12.11
CA PRO C 13 -44.06 9.51 13.00
C PRO C 13 -43.12 8.92 14.04
N LEU C 14 -43.34 7.66 14.41
CA LEU C 14 -42.45 7.01 15.36
C LEU C 14 -41.13 6.65 14.71
N PHE C 15 -41.19 6.12 13.51
CA PHE C 15 -39.98 5.79 12.74
C PHE C 15 -39.12 7.02 12.50
N ILE C 16 -39.75 8.07 11.95
CA ILE C 16 -39.09 9.34 11.71
C ILE C 16 -38.48 9.92 12.99
N SER C 17 -39.22 9.82 14.09
CA SER C 17 -38.74 10.32 15.38
C SER C 17 -37.54 9.51 15.90
N GLY C 18 -37.60 8.20 15.67
CA GLY C 18 -36.52 7.31 16.06
C GLY C 18 -35.27 7.65 15.25
N LEU C 19 -35.46 7.81 13.94
CA LEU C 19 -34.39 8.23 13.05
C LEU C 19 -33.68 9.51 13.49
N ILE C 20 -34.45 10.58 13.69
CA ILE C 20 -33.91 11.84 14.14
C ILE C 20 -33.10 11.68 15.42
N MET C 21 -33.53 10.75 16.26
CA MET C 21 -32.87 10.52 17.54
C MET C 21 -31.57 9.75 17.33
N THR C 22 -31.58 8.80 16.39
CA THR C 22 -30.34 8.10 16.05
C THR C 22 -29.31 9.12 15.55
N LEU C 23 -29.76 10.03 14.69
CA LEU C 23 -28.93 11.12 14.17
C LEU C 23 -28.35 11.97 15.31
N LYS C 24 -29.24 12.51 16.14
CA LYS C 24 -28.88 13.36 17.27
C LYS C 24 -27.85 12.70 18.19
N LEU C 25 -28.09 11.45 18.54
CA LEU C 25 -27.19 10.66 19.36
C LEU C 25 -25.79 10.53 18.74
N THR C 26 -25.74 10.04 17.50
CA THR C 26 -24.48 9.70 16.84
C THR C 26 -23.63 10.93 16.55
N PHE C 27 -24.25 11.97 16.02
CA PHE C 27 -23.61 13.24 15.80
C PHE C 27 -22.90 13.76 17.05
N LEU C 28 -23.66 13.91 18.13
CA LEU C 28 -23.11 14.45 19.37
C LEU C 28 -21.98 13.60 19.92
N ALA C 29 -22.13 12.28 19.85
CA ALA C 29 -21.13 11.38 20.40
C ALA C 29 -19.85 11.48 19.59
N VAL C 30 -19.99 11.28 18.29
CA VAL C 30 -18.88 11.34 17.36
C VAL C 30 -18.17 12.69 17.46
N THR C 31 -18.93 13.78 17.48
CA THR C 31 -18.37 15.11 17.66
C THR C 31 -17.50 15.20 18.91
N ILE C 32 -18.04 14.71 20.02
CA ILE C 32 -17.33 14.72 21.29
C ILE C 32 -16.18 13.73 21.25
N GLY C 33 -16.42 12.58 20.62
CA GLY C 33 -15.41 11.54 20.48
C GLY C 33 -14.19 11.98 19.68
N VAL C 34 -14.38 12.95 18.81
CA VAL C 34 -13.30 13.50 18.01
C VAL C 34 -12.43 14.43 18.87
N LEU C 35 -13.08 15.39 19.52
CA LEU C 35 -12.37 16.33 20.38
C LEU C 35 -11.62 15.58 21.47
N MET C 36 -12.28 14.62 22.08
CA MET C 36 -11.64 13.78 23.06
C MET C 36 -10.51 13.01 22.38
N GLY C 37 -10.80 12.43 21.22
CA GLY C 37 -9.85 11.61 20.49
C GLY C 37 -8.57 12.34 20.15
N LEU C 38 -8.70 13.58 19.66
CA LEU C 38 -7.58 14.46 19.37
C LEU C 38 -6.71 14.66 20.61
N PHE C 39 -7.37 14.90 21.73
CA PHE C 39 -6.72 15.15 23.00
C PHE C 39 -5.94 13.92 23.42
N ILE C 40 -6.56 12.76 23.22
CA ILE C 40 -5.95 11.49 23.61
C ILE C 40 -4.70 11.25 22.77
N ALA C 41 -4.77 11.60 21.48
CA ALA C 41 -3.66 11.39 20.55
C ALA C 41 -2.45 12.23 20.96
N LEU C 42 -2.70 13.51 21.24
CA LEU C 42 -1.67 14.45 21.70
C LEU C 42 -0.94 13.91 22.93
N MET C 43 -1.69 13.28 23.83
CA MET C 43 -1.13 12.68 25.02
C MET C 43 -0.18 11.54 24.67
N LYS C 44 -0.54 10.77 23.64
CA LYS C 44 0.24 9.59 23.28
C LYS C 44 1.54 10.03 22.59
N MET C 45 1.59 11.29 22.18
CA MET C 45 2.76 11.85 21.54
C MET C 45 3.69 12.51 22.55
N SER C 46 3.22 12.65 23.78
CA SER C 46 4.02 13.28 24.84
C SER C 46 5.26 12.43 25.14
N SER C 47 6.39 13.09 25.35
CA SER C 47 7.64 12.41 25.69
C SER C 47 7.61 11.93 27.13
N ILE C 48 6.80 12.61 27.93
CA ILE C 48 6.58 12.28 29.33
C ILE C 48 5.88 10.94 29.47
N LYS C 49 6.66 9.91 29.80
CA LYS C 49 6.22 8.50 29.87
C LYS C 49 4.85 8.21 30.52
N PRO C 50 4.57 8.81 31.69
CA PRO C 50 3.25 8.56 32.31
C PRO C 50 2.07 8.89 31.40
N ILE C 51 2.11 10.05 30.74
CA ILE C 51 1.00 10.51 29.93
C ILE C 51 0.79 9.60 28.70
N LYS C 52 1.88 9.30 27.98
CA LYS C 52 1.80 8.40 26.82
C LYS C 52 1.30 7.03 27.26
N LEU C 53 1.72 6.61 28.45
CA LEU C 53 1.28 5.33 29.00
C LEU C 53 -0.22 5.33 29.21
N VAL C 54 -0.73 6.42 29.78
CA VAL C 54 -2.17 6.54 30.07
C VAL C 54 -3.00 6.58 28.78
N ALA C 55 -2.50 7.29 27.77
CA ALA C 55 -3.23 7.39 26.51
C ALA C 55 -3.26 6.03 25.84
N SER C 56 -2.12 5.35 25.86
CA SER C 56 -2.04 4.03 25.24
C SER C 56 -2.97 3.05 25.94
N SER C 57 -2.99 3.10 27.27
CA SER C 57 -3.82 2.19 28.05
C SER C 57 -5.30 2.45 27.82
N TYR C 58 -5.69 3.72 27.86
CA TYR C 58 -7.05 4.15 27.53
C TYR C 58 -7.50 3.58 26.19
N ILE C 59 -6.74 3.93 25.14
CA ILE C 59 -7.01 3.49 23.78
C ILE C 59 -7.13 1.97 23.65
N GLU C 60 -6.13 1.27 24.16
CA GLU C 60 -6.04 -0.18 24.07
C GLU C 60 -7.24 -0.83 24.76
N VAL C 61 -7.51 -0.39 25.98
CA VAL C 61 -8.58 -0.97 26.79
C VAL C 61 -9.93 -0.72 26.14
N ILE C 62 -10.18 0.50 25.70
CA ILE C 62 -11.46 0.81 25.08
C ILE C 62 -11.70 0.10 23.76
N ARG C 63 -10.68 0.00 22.91
CA ARG C 63 -10.86 -0.68 21.64
C ARG C 63 -10.89 -2.18 21.82
N GLY C 64 -10.23 -2.66 22.88
CA GLY C 64 -10.10 -4.09 23.09
C GLY C 64 -11.23 -4.66 23.93
N THR C 65 -12.30 -3.88 24.09
CA THR C 65 -13.37 -4.21 25.01
C THR C 65 -14.75 -3.77 24.44
N PRO C 66 -15.80 -4.59 24.63
CA PRO C 66 -17.07 -4.34 23.93
C PRO C 66 -17.77 -3.02 24.29
N LEU C 67 -18.38 -2.38 23.29
CA LEU C 67 -19.14 -1.14 23.47
C LEU C 67 -20.29 -1.37 24.47
N LEU C 68 -20.95 -2.52 24.37
CA LEU C 68 -22.08 -2.86 25.24
C LEU C 68 -21.64 -2.76 26.69
N VAL C 69 -20.56 -3.47 27.01
CA VAL C 69 -20.04 -3.48 28.36
C VAL C 69 -19.75 -2.07 28.89
N GLN C 70 -19.29 -1.18 28.03
CA GLN C 70 -19.02 0.20 28.41
C GLN C 70 -20.32 0.94 28.70
N LEU C 71 -21.31 0.73 27.83
CA LEU C 71 -22.64 1.33 28.00
C LEU C 71 -23.21 0.96 29.37
N LEU C 72 -23.33 -0.33 29.61
CA LEU C 72 -23.89 -0.84 30.86
C LEU C 72 -23.08 -0.42 32.06
N LEU C 73 -21.75 -0.43 31.91
CA LEU C 73 -20.85 -0.03 33.00
C LEU C 73 -21.21 1.38 33.41
N ILE C 74 -21.45 2.26 32.44
CA ILE C 74 -21.85 3.60 32.81
C ILE C 74 -23.28 3.62 33.39
N TYR C 75 -24.21 2.94 32.72
CA TYR C 75 -25.62 3.02 33.09
C TYR C 75 -25.96 2.24 34.36
N ASN C 76 -25.84 0.92 34.33
CA ASN C 76 -26.11 0.09 35.48
C ASN C 76 -25.03 0.22 36.56
N GLY C 77 -23.77 0.19 36.14
CA GLY C 77 -22.67 0.15 37.09
C GLY C 77 -22.56 1.38 37.98
N LEU C 78 -23.16 2.48 37.57
CA LEU C 78 -23.03 3.69 38.38
C LEU C 78 -24.17 3.89 39.41
N MET C 79 -25.25 3.14 39.25
CA MET C 79 -26.42 3.26 40.11
C MET C 79 -26.08 3.12 41.61
N GLN C 80 -25.33 2.07 41.95
CA GLN C 80 -24.95 1.80 43.33
C GLN C 80 -24.15 2.91 43.98
N PHE C 81 -23.80 3.94 43.22
CA PHE C 81 -23.11 5.10 43.79
C PHE C 81 -24.07 6.26 43.90
N GLY C 82 -25.37 5.95 43.85
CA GLY C 82 -26.40 6.97 43.95
C GLY C 82 -26.47 7.82 42.70
N MET C 83 -26.31 7.16 41.56
CA MET C 83 -26.29 7.85 40.29
C MET C 83 -27.46 7.37 39.46
N ASN C 84 -28.21 8.31 38.89
CA ASN C 84 -29.33 7.97 38.04
C ASN C 84 -29.31 8.80 36.78
N ILE C 85 -28.24 8.60 36.00
CA ILE C 85 -28.04 9.32 34.75
C ILE C 85 -29.00 8.82 33.70
N PRO C 86 -29.67 9.76 33.01
CA PRO C 86 -30.65 9.49 31.94
C PRO C 86 -30.10 8.54 30.86
N ALA C 87 -30.95 8.00 30.00
CA ALA C 87 -30.47 7.10 28.98
C ALA C 87 -29.61 7.84 27.94
N PHE C 88 -30.03 9.07 27.66
CA PHE C 88 -29.41 9.87 26.63
C PHE C 88 -27.97 10.16 26.98
N THR C 89 -27.75 10.75 28.16
CA THR C 89 -26.38 11.07 28.57
C THR C 89 -25.52 9.82 28.72
N ALA C 90 -26.12 8.70 29.11
CA ALA C 90 -25.38 7.45 29.21
C ALA C 90 -24.88 7.02 27.82
N GLY C 91 -25.78 6.99 26.84
CA GLY C 91 -25.46 6.60 25.48
C GLY C 91 -24.41 7.54 24.89
N VAL C 92 -24.66 8.84 24.96
CA VAL C 92 -23.73 9.84 24.48
C VAL C 92 -22.34 9.65 25.08
N SER C 93 -22.27 9.50 26.40
CA SER C 93 -21.00 9.31 27.08
C SER C 93 -20.24 8.09 26.58
N ALA C 94 -20.97 6.98 26.52
CA ALA C 94 -20.36 5.70 26.19
C ALA C 94 -19.83 5.74 24.75
N LEU C 95 -20.70 6.15 23.83
CA LEU C 95 -20.37 6.24 22.42
C LEU C 95 -19.21 7.23 22.18
N ALA C 96 -19.26 8.39 22.83
CA ALA C 96 -18.19 9.37 22.68
C ALA C 96 -16.86 8.84 23.18
N ILE C 97 -16.89 8.05 24.26
CA ILE C 97 -15.64 7.49 24.79
C ILE C 97 -15.07 6.43 23.81
N ASN C 98 -15.93 5.49 23.44
CA ASN C 98 -15.55 4.44 22.49
C ASN C 98 -14.93 5.06 21.22
N SER C 99 -15.69 6.00 20.65
CA SER C 99 -15.27 6.73 19.48
C SER C 99 -13.98 7.48 19.74
N SER C 100 -13.79 7.96 20.97
CA SER C 100 -12.56 8.72 21.25
C SER C 100 -11.37 7.82 21.05
N ALA C 101 -11.46 6.58 21.54
CA ALA C 101 -10.34 5.67 21.33
C ALA C 101 -10.08 5.43 19.84
N TYR C 102 -11.14 5.04 19.12
CA TYR C 102 -10.95 4.72 17.70
C TYR C 102 -10.43 5.94 16.90
N VAL C 103 -10.90 7.13 17.26
CA VAL C 103 -10.48 8.37 16.61
C VAL C 103 -9.00 8.70 16.90
N ALA C 104 -8.59 8.48 18.15
CA ALA C 104 -7.18 8.64 18.50
C ALA C 104 -6.30 7.78 17.57
N GLU C 105 -6.70 6.53 17.39
CA GLU C 105 -5.94 5.67 16.47
C GLU C 105 -5.95 6.20 15.03
N ILE C 106 -7.12 6.67 14.60
CA ILE C 106 -7.25 7.22 13.27
C ILE C 106 -6.26 8.36 13.04
N ILE C 107 -6.13 9.24 14.02
CA ILE C 107 -5.20 10.35 13.90
C ILE C 107 -3.77 9.86 13.81
N ARG C 108 -3.38 8.98 14.74
CA ARG C 108 -2.01 8.45 14.70
C ARG C 108 -1.65 7.83 13.35
N ALA C 109 -2.63 7.17 12.73
CA ALA C 109 -2.37 6.46 11.50
C ALA C 109 -2.41 7.41 10.30
N GLY C 110 -3.14 8.51 10.42
CA GLY C 110 -3.23 9.46 9.33
C GLY C 110 -1.93 10.22 9.26
N ILE C 111 -1.30 10.40 10.42
CA ILE C 111 0.02 10.99 10.50
C ILE C 111 1.08 10.00 10.02
N GLN C 112 1.00 8.76 10.49
CA GLN C 112 1.98 7.75 10.09
C GLN C 112 1.94 7.46 8.57
N ALA C 113 0.87 7.89 7.91
CA ALA C 113 0.65 7.52 6.53
C ALA C 113 1.19 8.54 5.53
N VAL C 114 1.55 9.74 5.98
CA VAL C 114 2.18 10.66 5.04
C VAL C 114 3.62 10.19 4.82
N ASP C 115 4.06 10.19 3.55
CA ASP C 115 5.39 9.67 3.20
C ASP C 115 6.45 10.33 4.05
N PRO C 116 7.30 9.52 4.73
CA PRO C 116 8.34 9.99 5.65
C PRO C 116 9.38 10.91 4.97
N GLY C 117 9.39 10.88 3.65
CA GLY C 117 10.25 11.75 2.87
C GLY C 117 9.90 13.20 3.17
N GLN C 118 8.61 13.47 3.35
CA GLN C 118 8.17 14.84 3.59
C GLN C 118 8.86 15.44 4.83
N ASN C 119 8.89 14.66 5.90
CA ASN C 119 9.54 15.06 7.12
C ASN C 119 11.03 15.16 6.87
N GLU C 120 11.57 14.18 6.14
CA GLU C 120 13.00 14.24 5.77
C GLU C 120 13.41 15.54 5.04
N ALA C 121 12.58 15.99 4.10
CA ALA C 121 12.88 17.21 3.35
C ALA C 121 12.73 18.42 4.27
N ALA C 122 11.63 18.44 5.02
CA ALA C 122 11.39 19.53 5.94
C ALA C 122 12.59 19.73 6.88
N ARG C 123 13.01 18.65 7.53
CA ARG C 123 14.14 18.71 8.43
C ARG C 123 15.45 19.03 7.72
N SER C 124 15.61 18.51 6.50
CA SER C 124 16.85 18.72 5.78
C SER C 124 17.05 20.20 5.43
N LEU C 125 15.94 20.93 5.35
CA LEU C 125 15.97 22.33 5.00
C LEU C 125 16.18 23.19 6.26
N GLY C 126 16.49 22.52 7.36
CA GLY C 126 16.78 23.21 8.62
C GLY C 126 15.61 23.31 9.61
N MET C 127 14.41 22.94 9.17
CA MET C 127 13.22 23.01 10.01
C MET C 127 13.29 22.08 11.20
N THR C 128 12.78 22.57 12.34
CA THR C 128 12.65 21.76 13.57
C THR C 128 11.45 20.83 13.40
N HIS C 129 11.38 19.80 14.25
CA HIS C 129 10.23 18.90 14.26
C HIS C 129 8.92 19.69 14.30
N ALA C 130 8.87 20.72 15.13
CA ALA C 130 7.67 21.54 15.26
C ALA C 130 7.27 22.23 13.94
N MET C 131 8.23 22.87 13.31
CA MET C 131 7.95 23.58 12.06
C MET C 131 7.55 22.60 10.94
N ALA C 132 8.20 21.44 10.92
CA ALA C 132 7.95 20.42 9.90
C ALA C 132 6.54 19.93 10.09
N MET C 133 6.19 19.84 11.37
CA MET C 133 4.88 19.37 11.76
C MET C 133 3.81 20.36 11.31
N ARG C 134 3.99 21.62 11.65
CA ARG C 134 3.01 22.64 11.31
C ARG C 134 2.84 22.88 9.81
N TYR C 135 3.94 23.04 9.09
CA TYR C 135 3.85 23.48 7.71
C TYR C 135 3.81 22.36 6.67
N VAL C 136 4.24 21.16 7.05
CA VAL C 136 4.35 20.08 6.08
C VAL C 136 3.53 18.85 6.40
N ILE C 137 3.75 18.27 7.57
CA ILE C 137 3.17 16.96 7.87
C ILE C 137 1.68 16.99 8.25
N ILE C 138 1.32 17.84 9.22
CA ILE C 138 -0.07 17.95 9.70
C ILE C 138 -1.12 18.30 8.63
N PRO C 139 -0.80 19.28 7.74
CA PRO C 139 -1.77 19.56 6.67
C PRO C 139 -2.10 18.36 5.80
N GLN C 140 -1.16 17.41 5.69
CA GLN C 140 -1.35 16.24 4.81
C GLN C 140 -2.00 15.11 5.60
N ALA C 141 -1.57 14.97 6.85
CA ALA C 141 -2.17 14.02 7.77
C ALA C 141 -3.66 14.30 7.80
N ILE C 142 -4.02 15.58 7.88
CA ILE C 142 -5.44 15.97 7.94
C ILE C 142 -6.27 15.43 6.78
N LYS C 143 -5.70 15.49 5.57
CA LYS C 143 -6.39 14.92 4.41
C LYS C 143 -6.41 13.41 4.50
N ASN C 144 -5.50 12.83 5.27
CA ASN C 144 -5.63 11.38 5.50
C ASN C 144 -6.75 11.07 6.49
N ILE C 145 -6.96 12.01 7.42
CA ILE C 145 -7.80 11.79 8.58
C ILE C 145 -9.28 12.02 8.32
N LEU C 146 -9.59 13.14 7.68
CA LEU C 146 -10.98 13.51 7.37
C LEU C 146 -11.83 12.38 6.74
N PRO C 147 -11.28 11.65 5.75
CA PRO C 147 -12.15 10.60 5.20
C PRO C 147 -12.38 9.45 6.18
N ALA C 148 -11.46 9.24 7.11
CA ALA C 148 -11.58 8.10 8.01
C ALA C 148 -12.47 8.47 9.20
N LEU C 149 -12.54 9.78 9.48
CA LEU C 149 -13.49 10.33 10.43
C LEU C 149 -14.89 10.15 9.88
N GLY C 150 -15.08 10.55 8.61
CA GLY C 150 -16.35 10.41 7.94
C GLY C 150 -16.84 8.98 7.98
N ASN C 151 -15.89 8.06 7.89
CA ASN C 151 -16.19 6.64 7.95
C ASN C 151 -16.52 6.20 9.36
N GLU C 152 -15.91 6.85 10.36
CA GLU C 152 -16.18 6.53 11.74
C GLU C 152 -17.63 6.80 12.06
N PHE C 153 -18.09 7.98 11.65
CA PHE C 153 -19.48 8.40 11.80
C PHE C 153 -20.43 7.36 11.24
N ILE C 154 -20.18 6.90 10.02
CA ILE C 154 -21.07 5.94 9.39
C ILE C 154 -21.17 4.67 10.23
N VAL C 155 -20.03 4.22 10.74
CA VAL C 155 -19.97 3.02 11.56
C VAL C 155 -20.74 3.24 12.87
N MET C 156 -20.60 4.44 13.44
CA MET C 156 -21.22 4.76 14.71
C MET C 156 -22.74 4.84 14.63
N LEU C 157 -23.29 5.09 13.44
CA LEU C 157 -24.74 5.06 13.24
C LEU C 157 -25.25 3.68 13.57
N LYS C 158 -24.63 2.69 12.96
CA LYS C 158 -24.98 1.32 13.27
C LYS C 158 -24.72 1.06 14.75
N GLU C 159 -23.59 1.53 15.24
CA GLU C 159 -23.22 1.25 16.63
C GLU C 159 -24.23 1.78 17.66
N SER C 160 -24.83 2.93 17.37
CA SER C 160 -25.68 3.65 18.31
C SER C 160 -27.01 2.91 18.57
N ALA C 161 -27.38 2.00 17.68
CA ALA C 161 -28.58 1.19 17.87
C ALA C 161 -28.57 0.47 19.23
N ILE C 162 -27.39 0.42 19.85
CA ILE C 162 -27.23 -0.32 21.08
C ILE C 162 -27.78 0.42 22.31
N VAL C 163 -28.09 1.71 22.17
CA VAL C 163 -28.67 2.43 23.29
C VAL C 163 -30.17 2.14 23.38
N SER C 164 -30.65 1.29 22.47
CA SER C 164 -32.05 0.89 22.52
C SER C 164 -32.23 -0.01 23.75
N VAL C 165 -31.26 -0.89 24.01
CA VAL C 165 -31.38 -1.84 25.12
C VAL C 165 -31.40 -1.16 26.49
N ILE C 166 -31.05 0.12 26.52
CA ILE C 166 -30.96 0.91 27.74
C ILE C 166 -32.25 1.71 27.85
N GLY C 167 -33.12 1.51 26.87
CA GLY C 167 -34.40 2.17 26.83
C GLY C 167 -34.41 3.56 26.24
N PHE C 168 -33.37 3.92 25.51
CA PHE C 168 -33.36 5.21 24.83
C PHE C 168 -34.16 5.06 23.55
N ALA C 169 -34.95 6.08 23.21
CA ALA C 169 -35.90 5.98 22.09
C ALA C 169 -35.29 6.23 20.70
N ASP C 170 -34.28 5.44 20.34
CA ASP C 170 -33.64 5.59 19.05
C ASP C 170 -34.51 4.94 17.99
N LEU C 171 -33.96 4.72 16.80
CA LEU C 171 -34.71 4.13 15.72
C LEU C 171 -35.01 2.65 16.00
N THR C 172 -34.13 1.98 16.75
CA THR C 172 -34.29 0.55 17.00
C THR C 172 -35.37 0.29 18.07
N ARG C 173 -35.41 1.18 19.06
CA ARG C 173 -36.36 1.07 20.16
C ARG C 173 -37.81 1.09 19.67
N GLN C 174 -38.05 1.81 18.57
CA GLN C 174 -39.39 1.93 18.01
C GLN C 174 -40.09 0.59 17.84
N ALA C 175 -39.36 -0.43 17.40
CA ALA C 175 -39.99 -1.73 17.18
C ALA C 175 -40.66 -2.31 18.44
N ASP C 176 -40.10 -2.00 19.60
CA ASP C 176 -40.74 -2.39 20.85
C ASP C 176 -42.04 -1.61 20.97
N ILE C 177 -41.93 -0.29 20.96
CA ILE C 177 -43.07 0.59 21.08
C ILE C 177 -44.23 0.13 20.19
N ILE C 178 -43.98 0.09 18.89
CA ILE C 178 -44.96 -0.33 17.90
C ILE C 178 -45.56 -1.70 18.21
N GLN C 179 -44.73 -2.67 18.58
CA GLN C 179 -45.26 -4.03 18.76
C GLN C 179 -46.19 -4.03 19.97
N SER C 180 -45.92 -3.14 20.92
CA SER C 180 -46.73 -3.12 22.12
C SER C 180 -48.19 -2.85 21.76
N VAL C 181 -48.41 -2.25 20.58
CA VAL C 181 -49.74 -1.85 20.17
C VAL C 181 -50.21 -2.67 18.98
N THR C 182 -49.33 -3.49 18.42
CA THR C 182 -49.69 -4.24 17.21
C THR C 182 -49.41 -5.72 17.37
N TYR C 183 -48.57 -6.03 18.36
CA TYR C 183 -48.07 -7.40 18.58
C TYR C 183 -47.17 -7.86 17.42
N ARG C 184 -46.77 -6.90 16.57
CA ARG C 184 -45.94 -7.19 15.40
C ARG C 184 -44.52 -6.66 15.60
N TYR C 185 -43.56 -7.58 15.53
CA TYR C 185 -42.13 -7.24 15.64
C TYR C 185 -41.49 -7.21 14.26
N PHE C 186 -41.77 -8.24 13.46
CA PHE C 186 -41.22 -8.42 12.13
C PHE C 186 -41.20 -7.17 11.26
N GLU C 187 -42.39 -6.72 10.88
CA GLU C 187 -42.52 -5.61 9.95
C GLU C 187 -41.81 -4.30 10.39
N PRO C 188 -41.97 -3.88 11.66
CA PRO C 188 -41.21 -2.68 12.04
C PRO C 188 -39.68 -2.88 12.07
N TYR C 189 -39.22 -4.10 12.31
CA TYR C 189 -37.80 -4.39 12.28
C TYR C 189 -37.29 -4.31 10.84
N ILE C 190 -38.00 -4.95 9.91
CA ILE C 190 -37.66 -4.82 8.50
C ILE C 190 -37.58 -3.34 8.11
N ILE C 191 -38.61 -2.58 8.47
CA ILE C 191 -38.64 -1.16 8.14
C ILE C 191 -37.46 -0.40 8.74
N ILE C 192 -37.12 -0.72 9.97
CA ILE C 192 -36.01 -0.05 10.65
C ILE C 192 -34.67 -0.41 10.01
N ALA C 193 -34.46 -1.70 9.74
CA ALA C 193 -33.27 -2.17 9.04
C ALA C 193 -33.14 -1.39 7.74
N ALA C 194 -34.21 -1.37 6.95
CA ALA C 194 -34.25 -0.59 5.72
C ALA C 194 -33.82 0.86 5.93
N ILE C 195 -34.35 1.51 6.97
CA ILE C 195 -33.93 2.88 7.23
C ILE C 195 -32.42 2.98 7.51
N TYR C 196 -31.90 2.03 8.28
CA TYR C 196 -30.47 1.99 8.59
C TYR C 196 -29.67 1.84 7.32
N PHE C 197 -30.15 0.98 6.43
CA PHE C 197 -29.48 0.69 5.17
C PHE C 197 -29.43 1.95 4.31
N VAL C 198 -30.57 2.57 4.11
CA VAL C 198 -30.65 3.78 3.31
C VAL C 198 -29.76 4.89 3.87
N MET C 199 -29.70 5.00 5.20
CA MET C 199 -28.82 5.96 5.83
C MET C 199 -27.35 5.65 5.51
N THR C 200 -27.01 4.37 5.64
CA THR C 200 -25.65 3.91 5.39
C THR C 200 -25.23 4.27 3.95
N LEU C 201 -26.07 3.90 2.99
CA LEU C 201 -25.83 4.21 1.58
C LEU C 201 -25.67 5.71 1.35
N THR C 202 -26.62 6.49 1.85
CA THR C 202 -26.57 7.94 1.67
C THR C 202 -25.23 8.52 2.12
N PHE C 203 -24.89 8.28 3.39
CA PHE C 203 -23.66 8.84 3.95
C PHE C 203 -22.39 8.28 3.32
N SER C 204 -22.45 7.03 2.85
CA SER C 204 -21.31 6.41 2.18
C SER C 204 -21.04 7.09 0.85
N LYS C 205 -22.11 7.30 0.09
CA LYS C 205 -22.05 8.04 -1.16
C LYS C 205 -21.45 9.43 -0.93
N LEU C 206 -21.97 10.16 0.00
CA LEU C 206 -21.42 11.46 0.26
C LEU C 206 -19.95 11.38 0.58
N LEU C 207 -19.57 10.49 1.47
CA LEU C 207 -18.20 10.51 1.96
C LEU C 207 -17.21 10.26 0.85
N SER C 208 -17.43 9.24 0.03
CA SER C 208 -16.44 8.91 -0.98
C SER C 208 -16.38 10.07 -1.91
N LEU C 209 -17.54 10.60 -2.20
CA LEU C 209 -17.63 11.71 -3.10
C LEU C 209 -16.84 12.84 -2.50
N PHE C 210 -16.92 12.99 -1.19
CA PHE C 210 -16.12 13.98 -0.51
C PHE C 210 -14.64 13.64 -0.64
N GLU C 211 -14.29 12.38 -0.55
CA GLU C 211 -12.88 12.00 -0.59
C GLU C 211 -12.24 12.36 -1.92
N ARG C 212 -12.96 12.12 -3.00
CA ARG C 212 -12.39 12.36 -4.30
C ARG C 212 -12.07 13.81 -4.53
N ARG C 213 -12.96 14.70 -4.10
CA ARG C 213 -12.69 16.12 -4.25
C ARG C 213 -11.43 16.38 -3.47
N LEU C 214 -11.35 15.81 -2.28
CA LEU C 214 -10.24 16.10 -1.39
C LEU C 214 -8.97 15.66 -2.08
N ARG C 215 -9.01 14.51 -2.74
CA ARG C 215 -7.83 14.03 -3.44
C ARG C 215 -8.07 13.85 -4.95
N MET D 1 -23.40 0.24 47.44
CA MET D 1 -22.77 0.73 48.65
C MET D 1 -21.47 1.48 48.32
N THR D 2 -20.34 0.85 48.62
CA THR D 2 -19.04 1.26 48.10
C THR D 2 -18.43 0.00 47.47
N VAL D 3 -17.39 0.16 46.65
CA VAL D 3 -16.93 -0.98 45.85
C VAL D 3 -16.35 -2.10 46.72
N ASP D 4 -16.66 -3.34 46.34
CA ASP D 4 -16.23 -4.54 47.06
C ASP D 4 -15.93 -5.64 46.04
N PHE D 5 -14.67 -5.76 45.63
CA PHE D 5 -14.31 -6.78 44.65
C PHE D 5 -14.11 -8.17 45.25
N LEU D 6 -13.80 -8.24 46.53
CA LEU D 6 -13.55 -9.53 47.16
C LEU D 6 -14.85 -10.33 47.23
N SER D 7 -15.96 -9.62 47.45
CA SER D 7 -17.29 -10.24 47.49
C SER D 7 -17.56 -10.95 46.18
N MET D 8 -16.89 -10.49 45.13
CA MET D 8 -17.08 -10.98 43.78
C MET D 8 -16.44 -12.34 43.57
N VAL D 9 -15.37 -12.62 44.33
CA VAL D 9 -14.60 -13.86 44.15
C VAL D 9 -15.42 -15.16 44.07
N LYS D 10 -16.40 -15.31 44.98
CA LYS D 10 -17.18 -16.55 45.07
C LYS D 10 -17.97 -16.82 43.80
N TYR D 11 -18.11 -15.78 42.97
CA TYR D 11 -18.90 -15.87 41.76
C TYR D 11 -18.05 -16.27 40.56
N THR D 12 -16.78 -16.55 40.80
CA THR D 12 -15.88 -17.04 39.76
C THR D 12 -16.47 -18.07 38.78
N PRO D 13 -17.17 -19.12 39.29
CA PRO D 13 -17.70 -20.08 38.31
C PRO D 13 -18.67 -19.48 37.29
N LEU D 14 -19.36 -18.41 37.66
CA LEU D 14 -20.33 -17.77 36.77
C LEU D 14 -19.62 -17.02 35.65
N PHE D 15 -18.54 -16.32 36.02
CA PHE D 15 -17.73 -15.65 35.02
C PHE D 15 -17.18 -16.70 34.04
N ILE D 16 -16.56 -17.74 34.59
CA ILE D 16 -16.01 -18.83 33.80
C ILE D 16 -17.07 -19.48 32.90
N SER D 17 -18.26 -19.70 33.42
CA SER D 17 -19.34 -20.30 32.63
C SER D 17 -19.73 -19.34 31.51
N GLY D 18 -19.76 -18.06 31.83
CA GLY D 18 -20.10 -17.05 30.85
C GLY D 18 -19.03 -16.99 29.78
N LEU D 19 -17.77 -16.91 30.21
CA LEU D 19 -16.60 -16.89 29.31
C LEU D 19 -16.64 -18.06 28.33
N ILE D 20 -16.76 -19.27 28.87
CA ILE D 20 -16.90 -20.47 28.04
C ILE D 20 -18.03 -20.34 27.04
N MET D 21 -19.09 -19.66 27.42
CA MET D 21 -20.25 -19.55 26.56
C MET D 21 -20.00 -18.57 25.41
N THR D 22 -19.30 -17.48 25.70
CA THR D 22 -18.91 -16.53 24.67
C THR D 22 -18.04 -17.21 23.62
N LEU D 23 -17.07 -18.01 24.07
CA LEU D 23 -16.20 -18.78 23.19
C LEU D 23 -16.99 -19.69 22.26
N LYS D 24 -17.76 -20.60 22.85
CA LYS D 24 -18.62 -21.54 22.13
C LYS D 24 -19.53 -20.80 21.15
N LEU D 25 -20.15 -19.72 21.62
CA LEU D 25 -20.99 -18.89 20.76
C LEU D 25 -20.16 -18.39 19.57
N THR D 26 -19.04 -17.76 19.87
CA THR D 26 -18.24 -17.12 18.83
C THR D 26 -17.56 -18.09 17.84
N PHE D 27 -16.94 -19.15 18.37
CA PHE D 27 -16.33 -20.19 17.52
C PHE D 27 -17.36 -20.68 16.51
N LEU D 28 -18.49 -21.16 17.03
CA LEU D 28 -19.56 -21.70 16.21
C LEU D 28 -20.12 -20.68 15.20
N ALA D 29 -20.27 -19.44 15.63
CA ALA D 29 -20.81 -18.41 14.74
C ALA D 29 -19.85 -18.12 13.59
N VAL D 30 -18.60 -17.79 13.93
CA VAL D 30 -17.57 -17.54 12.93
C VAL D 30 -17.37 -18.72 11.99
N THR D 31 -17.26 -19.92 12.58
CA THR D 31 -17.11 -21.14 11.81
C THR D 31 -18.19 -21.26 10.74
N ILE D 32 -19.43 -21.04 11.13
CA ILE D 32 -20.52 -21.11 10.18
C ILE D 32 -20.44 -19.92 9.23
N GLY D 33 -20.09 -18.74 9.75
CA GLY D 33 -19.99 -17.54 8.95
C GLY D 33 -18.93 -17.62 7.86
N VAL D 34 -17.92 -18.46 8.09
CA VAL D 34 -16.84 -18.66 7.14
C VAL D 34 -17.31 -19.55 5.98
N LEU D 35 -17.88 -20.71 6.33
CA LEU D 35 -18.41 -21.64 5.36
C LEU D 35 -19.48 -20.97 4.53
N MET D 36 -20.37 -20.25 5.20
CA MET D 36 -21.40 -19.52 4.50
C MET D 36 -20.75 -18.46 3.64
N GLY D 37 -19.79 -17.75 4.23
CA GLY D 37 -19.09 -16.64 3.58
C GLY D 37 -18.35 -17.04 2.31
N LEU D 38 -17.67 -18.18 2.35
CA LEU D 38 -17.00 -18.73 1.17
C LEU D 38 -18.02 -18.95 0.04
N PHE D 39 -19.18 -19.49 0.41
CA PHE D 39 -20.24 -19.81 -0.54
C PHE D 39 -20.79 -18.54 -1.19
N ILE D 40 -20.97 -17.50 -0.38
CA ILE D 40 -21.52 -16.23 -0.85
C ILE D 40 -20.58 -15.56 -1.84
N ALA D 41 -19.28 -15.66 -1.55
CA ALA D 41 -18.25 -15.05 -2.38
C ALA D 41 -18.23 -15.72 -3.74
N LEU D 42 -18.29 -17.05 -3.73
CA LEU D 42 -18.34 -17.84 -4.95
C LEU D 42 -19.50 -17.44 -5.86
N MET D 43 -20.64 -17.12 -5.26
CA MET D 43 -21.81 -16.64 -5.97
C MET D 43 -21.56 -15.29 -6.65
N LYS D 44 -20.83 -14.43 -5.96
CA LYS D 44 -20.60 -13.07 -6.46
C LYS D 44 -19.59 -13.11 -7.62
N MET D 45 -18.91 -14.25 -7.73
CA MET D 45 -17.96 -14.49 -8.81
C MET D 45 -18.65 -15.17 -9.99
N SER D 46 -19.89 -15.60 -9.79
CA SER D 46 -20.65 -16.25 -10.86
C SER D 46 -20.93 -15.28 -12.00
N SER D 47 -20.86 -15.79 -13.23
CA SER D 47 -21.13 -14.99 -14.41
C SER D 47 -22.63 -14.77 -14.57
N ILE D 48 -23.42 -15.69 -14.03
CA ILE D 48 -24.87 -15.59 -14.07
C ILE D 48 -25.33 -14.39 -13.25
N LYS D 49 -25.66 -13.30 -13.95
CA LYS D 49 -26.00 -12.01 -13.34
C LYS D 49 -26.94 -11.99 -12.12
N PRO D 50 -28.06 -12.76 -12.17
CA PRO D 50 -28.95 -12.78 -11.01
C PRO D 50 -28.22 -13.19 -9.73
N ILE D 51 -27.43 -14.24 -9.80
CA ILE D 51 -26.76 -14.77 -8.61
C ILE D 51 -25.76 -13.78 -8.02
N LYS D 52 -24.93 -13.18 -8.87
CA LYS D 52 -23.99 -12.17 -8.41
C LYS D 52 -24.75 -11.02 -7.78
N LEU D 53 -25.90 -10.70 -8.37
CA LEU D 53 -26.75 -9.63 -7.84
C LEU D 53 -27.25 -9.95 -6.43
N VAL D 54 -27.68 -11.20 -6.24
CA VAL D 54 -28.23 -11.64 -4.97
C VAL D 54 -27.15 -11.62 -3.89
N ALA D 55 -25.96 -12.11 -4.23
CA ALA D 55 -24.85 -12.16 -3.29
C ALA D 55 -24.41 -10.75 -2.92
N SER D 56 -24.37 -9.87 -3.91
CA SER D 56 -24.01 -8.48 -3.71
C SER D 56 -25.00 -7.77 -2.78
N SER D 57 -26.29 -8.03 -3.01
CA SER D 57 -27.35 -7.42 -2.23
C SER D 57 -27.31 -7.90 -0.79
N TYR D 58 -27.17 -9.21 -0.62
CA TYR D 58 -26.99 -9.85 0.67
C TYR D 58 -25.87 -9.17 1.45
N ILE D 59 -24.67 -9.20 0.87
CA ILE D 59 -23.50 -8.59 1.51
C ILE D 59 -23.74 -7.12 1.91
N GLU D 60 -24.22 -6.34 0.95
CA GLU D 60 -24.45 -4.92 1.18
C GLU D 60 -25.44 -4.65 2.31
N VAL D 61 -26.55 -5.39 2.30
CA VAL D 61 -27.61 -5.20 3.29
C VAL D 61 -27.08 -5.55 4.67
N ILE D 62 -26.47 -6.72 4.79
CA ILE D 62 -25.99 -7.14 6.09
C ILE D 62 -24.89 -6.25 6.67
N ARG D 63 -23.96 -5.79 5.83
CA ARG D 63 -22.87 -4.97 6.35
C ARG D 63 -23.32 -3.53 6.61
N GLY D 64 -24.35 -3.08 5.89
CA GLY D 64 -24.78 -1.70 6.02
C GLY D 64 -25.86 -1.53 7.07
N THR D 65 -26.04 -2.56 7.90
CA THR D 65 -27.18 -2.63 8.80
C THR D 65 -26.80 -3.29 10.14
N PRO D 66 -27.32 -2.77 11.27
CA PRO D 66 -26.82 -3.14 12.61
C PRO D 66 -27.02 -4.59 12.97
N LEU D 67 -26.01 -5.20 13.61
CA LEU D 67 -26.10 -6.60 14.03
C LEU D 67 -27.31 -6.79 14.96
N LEU D 68 -27.52 -5.81 15.87
CA LEU D 68 -28.59 -5.85 16.85
C LEU D 68 -29.93 -6.06 16.18
N VAL D 69 -30.21 -5.21 15.20
CA VAL D 69 -31.45 -5.27 14.43
C VAL D 69 -31.64 -6.64 13.79
N GLN D 70 -30.55 -7.26 13.36
CA GLN D 70 -30.62 -8.59 12.75
C GLN D 70 -30.99 -9.65 13.79
N LEU D 71 -30.34 -9.54 14.95
CA LEU D 71 -30.61 -10.42 16.10
C LEU D 71 -32.10 -10.36 16.44
N LEU D 72 -32.58 -9.16 16.75
CA LEU D 72 -33.96 -8.95 17.15
C LEU D 72 -34.92 -9.36 16.05
N LEU D 73 -34.56 -9.10 14.80
CA LEU D 73 -35.37 -9.50 13.66
C LEU D 73 -35.57 -11.01 13.69
N ILE D 74 -34.51 -11.76 14.01
CA ILE D 74 -34.65 -13.20 14.10
C ILE D 74 -35.45 -13.66 15.34
N TYR D 75 -35.07 -13.12 16.50
CA TYR D 75 -35.63 -13.55 17.78
C TYR D 75 -37.06 -13.04 17.95
N ASN D 76 -37.21 -11.72 18.07
CA ASN D 76 -38.52 -11.12 18.23
C ASN D 76 -39.40 -11.16 16.99
N GLY D 77 -38.83 -10.80 15.85
CA GLY D 77 -39.60 -10.66 14.63
C GLY D 77 -40.18 -11.96 14.12
N LEU D 78 -39.65 -13.09 14.57
CA LEU D 78 -40.13 -14.38 14.09
C LEU D 78 -41.20 -15.00 14.98
N MET D 79 -41.34 -14.49 16.21
CA MET D 79 -42.30 -15.05 17.15
C MET D 79 -43.70 -15.08 16.55
N GLN D 80 -44.11 -13.96 15.98
CA GLN D 80 -45.45 -13.81 15.42
C GLN D 80 -45.80 -14.80 14.31
N PHE D 81 -44.83 -15.61 13.92
CA PHE D 81 -45.07 -16.66 12.92
C PHE D 81 -45.13 -18.00 13.62
N GLY D 82 -45.34 -17.97 14.93
CA GLY D 82 -45.42 -19.18 15.70
C GLY D 82 -44.05 -19.81 15.84
N MET D 83 -43.05 -18.96 16.04
CA MET D 83 -41.68 -19.41 16.17
C MET D 83 -41.15 -19.07 17.54
N ASN D 84 -40.51 -20.05 18.17
CA ASN D 84 -39.91 -19.81 19.48
C ASN D 84 -38.50 -20.36 19.55
N ILE D 85 -37.62 -19.79 18.74
CA ILE D 85 -36.24 -20.20 18.70
C ILE D 85 -35.51 -19.67 19.93
N PRO D 86 -34.75 -20.55 20.61
CA PRO D 86 -33.97 -20.21 21.80
C PRO D 86 -33.06 -18.99 21.61
N ALA D 87 -32.52 -18.47 22.71
CA ALA D 87 -31.66 -17.31 22.60
C ALA D 87 -30.39 -17.74 21.85
N PHE D 88 -29.97 -18.98 22.09
CA PHE D 88 -28.73 -19.50 21.55
C PHE D 88 -28.76 -19.64 20.04
N THR D 89 -29.74 -20.36 19.50
CA THR D 89 -29.84 -20.50 18.06
C THR D 89 -30.07 -19.14 17.40
N ALA D 90 -30.78 -18.25 18.08
CA ALA D 90 -30.99 -16.92 17.52
C ALA D 90 -29.65 -16.22 17.37
N GLY D 91 -28.88 -16.22 18.46
CA GLY D 91 -27.58 -15.57 18.49
C GLY D 91 -26.61 -16.15 17.47
N VAL D 92 -26.44 -17.47 17.49
CA VAL D 92 -25.58 -18.15 16.54
C VAL D 92 -25.98 -17.80 15.10
N SER D 93 -27.27 -17.89 14.79
CA SER D 93 -27.76 -17.52 13.46
C SER D 93 -27.42 -16.08 13.09
N ALA D 94 -27.67 -15.15 14.00
CA ALA D 94 -27.47 -13.74 13.68
C ALA D 94 -26.00 -13.49 13.40
N LEU D 95 -25.18 -13.94 14.35
CA LEU D 95 -23.74 -13.76 14.28
C LEU D 95 -23.16 -14.44 13.04
N ALA D 96 -23.57 -15.68 12.77
CA ALA D 96 -23.08 -16.40 11.59
C ALA D 96 -23.45 -15.66 10.31
N ILE D 97 -24.63 -15.07 10.27
CA ILE D 97 -25.07 -14.34 9.08
C ILE D 97 -24.23 -13.06 8.86
N ASN D 98 -24.16 -12.25 9.91
CA ASN D 98 -23.38 -11.01 9.90
C ASN D 98 -21.94 -11.31 9.45
N SER D 99 -21.36 -12.29 10.15
CA SER D 99 -20.01 -12.76 9.89
C SER D 99 -19.87 -13.27 8.46
N SER D 100 -20.90 -13.90 7.91
CA SER D 100 -20.82 -14.45 6.57
C SER D 100 -20.64 -13.33 5.56
N ALA D 101 -21.39 -12.23 5.74
CA ALA D 101 -21.19 -11.11 4.82
C ALA D 101 -19.76 -10.56 4.93
N TYR D 102 -19.35 -10.27 6.16
CA TYR D 102 -18.00 -9.70 6.31
C TYR D 102 -16.89 -10.61 5.77
N VAL D 103 -17.06 -11.91 5.96
CA VAL D 103 -16.09 -12.87 5.45
C VAL D 103 -16.07 -12.89 3.91
N ALA D 104 -17.25 -12.85 3.29
CA ALA D 104 -17.34 -12.79 1.82
C ALA D 104 -16.49 -11.63 1.29
N GLU D 105 -16.61 -10.47 1.94
CA GLU D 105 -15.77 -9.33 1.59
C GLU D 105 -14.28 -9.59 1.82
N ILE D 106 -13.95 -10.23 2.93
CA ILE D 106 -12.56 -10.55 3.24
C ILE D 106 -11.94 -11.42 2.14
N ILE D 107 -12.68 -12.41 1.69
CA ILE D 107 -12.25 -13.32 0.64
C ILE D 107 -12.01 -12.57 -0.68
N ARG D 108 -13.01 -11.81 -1.10
CA ARG D 108 -12.90 -11.03 -2.33
C ARG D 108 -11.67 -10.14 -2.29
N ALA D 109 -11.37 -9.62 -1.10
CA ALA D 109 -10.29 -8.66 -0.98
C ALA D 109 -8.93 -9.35 -0.88
N GLY D 110 -8.93 -10.60 -0.40
CA GLY D 110 -7.69 -11.33 -0.27
C GLY D 110 -7.25 -11.77 -1.66
N ILE D 111 -8.23 -12.03 -2.52
CA ILE D 111 -7.92 -12.37 -3.89
C ILE D 111 -7.45 -11.13 -4.63
N GLN D 112 -8.16 -10.03 -4.46
CA GLN D 112 -7.83 -8.77 -5.14
C GLN D 112 -6.45 -8.26 -4.72
N ALA D 113 -5.90 -8.82 -3.65
CA ALA D 113 -4.65 -8.31 -3.08
C ALA D 113 -3.43 -9.02 -3.63
N VAL D 114 -3.61 -10.14 -4.32
CA VAL D 114 -2.45 -10.71 -4.96
C VAL D 114 -2.13 -9.88 -6.20
N ASP D 115 -0.84 -9.59 -6.36
CA ASP D 115 -0.36 -8.73 -7.46
C ASP D 115 -0.88 -9.28 -8.78
N PRO D 116 -1.50 -8.41 -9.59
CA PRO D 116 -2.06 -8.83 -10.88
C PRO D 116 -1.02 -9.45 -11.84
N GLY D 117 0.25 -9.20 -11.55
CA GLY D 117 1.31 -9.76 -12.34
C GLY D 117 1.26 -11.28 -12.32
N GLN D 118 0.89 -11.85 -11.17
CA GLN D 118 0.84 -13.31 -11.04
C GLN D 118 -0.14 -13.89 -12.05
N ASN D 119 -1.31 -13.29 -12.14
CA ASN D 119 -2.31 -13.77 -13.09
C ASN D 119 -1.86 -13.57 -14.51
N GLU D 120 -1.31 -12.38 -14.80
CA GLU D 120 -0.78 -12.10 -16.12
C GLU D 120 0.26 -13.13 -16.57
N ALA D 121 1.13 -13.54 -15.66
CA ALA D 121 2.19 -14.49 -16.02
C ALA D 121 1.58 -15.85 -16.29
N ALA D 122 0.70 -16.24 -15.37
CA ALA D 122 -0.01 -17.51 -15.49
C ALA D 122 -0.70 -17.64 -16.85
N ARG D 123 -1.48 -16.62 -17.22
CA ARG D 123 -2.18 -16.66 -18.49
C ARG D 123 -1.21 -16.60 -19.66
N SER D 124 -0.13 -15.81 -19.50
CA SER D 124 0.82 -15.63 -20.58
C SER D 124 1.50 -16.94 -20.91
N LEU D 125 1.55 -17.85 -19.95
CA LEU D 125 2.15 -19.16 -20.15
C LEU D 125 1.12 -20.16 -20.67
N GLY D 126 -0.06 -19.68 -21.06
CA GLY D 126 -1.04 -20.56 -21.64
C GLY D 126 -2.08 -21.12 -20.68
N MET D 127 -1.92 -20.89 -19.38
CA MET D 127 -2.89 -21.37 -18.38
C MET D 127 -4.21 -20.64 -18.52
N THR D 128 -5.30 -21.40 -18.36
CA THR D 128 -6.66 -20.84 -18.34
C THR D 128 -6.90 -20.17 -17.00
N HIS D 129 -7.94 -19.34 -16.92
CA HIS D 129 -8.33 -18.71 -15.67
C HIS D 129 -8.45 -19.74 -14.55
N ALA D 130 -9.06 -20.90 -14.83
CA ALA D 130 -9.22 -21.94 -13.82
C ALA D 130 -7.87 -22.39 -13.28
N MET D 131 -6.96 -22.72 -14.20
CA MET D 131 -5.63 -23.20 -13.81
C MET D 131 -4.82 -22.11 -13.06
N ALA D 132 -4.96 -20.87 -13.51
CA ALA D 132 -4.24 -19.77 -12.88
C ALA D 132 -4.73 -19.60 -11.45
N MET D 133 -6.04 -19.78 -11.29
CA MET D 133 -6.72 -19.65 -10.00
C MET D 133 -6.31 -20.78 -9.05
N ARG D 134 -6.40 -22.01 -9.51
CA ARG D 134 -6.06 -23.16 -8.70
C ARG D 134 -4.59 -23.23 -8.31
N TYR D 135 -3.68 -23.05 -9.28
CA TYR D 135 -2.25 -23.29 -9.03
C TYR D 135 -1.43 -22.05 -8.61
N VAL D 136 -1.93 -20.85 -8.92
CA VAL D 136 -1.14 -19.65 -8.71
C VAL D 136 -1.82 -18.64 -7.78
N ILE D 137 -3.04 -18.24 -8.13
CA ILE D 137 -3.71 -17.18 -7.40
C ILE D 137 -4.30 -17.56 -6.05
N ILE D 138 -5.11 -18.63 -6.03
CA ILE D 138 -5.75 -19.03 -4.77
C ILE D 138 -4.74 -19.34 -3.65
N PRO D 139 -3.67 -20.11 -3.95
CA PRO D 139 -2.70 -20.36 -2.86
C PRO D 139 -2.16 -19.08 -2.22
N GLN D 140 -2.14 -17.98 -2.97
CA GLN D 140 -1.60 -16.73 -2.43
C GLN D 140 -2.70 -15.92 -1.71
N ALA D 141 -3.88 -15.94 -2.33
CA ALA D 141 -5.07 -15.30 -1.76
C ALA D 141 -5.33 -15.81 -0.34
N ILE D 142 -5.23 -17.12 -0.17
CA ILE D 142 -5.41 -17.76 1.14
C ILE D 142 -4.50 -17.17 2.21
N LYS D 143 -3.25 -16.94 1.85
CA LYS D 143 -2.32 -16.36 2.80
C LYS D 143 -2.71 -14.92 3.09
N ASN D 144 -3.45 -14.30 2.19
CA ASN D 144 -3.98 -12.97 2.53
C ASN D 144 -5.18 -13.04 3.47
N ILE D 145 -5.97 -14.10 3.31
CA ILE D 145 -7.27 -14.19 3.92
C ILE D 145 -7.20 -14.66 5.36
N LEU D 146 -6.43 -15.72 5.62
CA LEU D 146 -6.30 -16.27 6.97
C LEU D 146 -6.04 -15.23 8.11
N PRO D 147 -5.14 -14.26 7.88
CA PRO D 147 -4.99 -13.32 8.99
C PRO D 147 -6.20 -12.44 9.17
N ALA D 148 -6.99 -12.22 8.13
CA ALA D 148 -8.13 -11.33 8.29
C ALA D 148 -9.35 -12.12 8.85
N LEU D 149 -9.37 -13.43 8.62
CA LEU D 149 -10.33 -14.30 9.28
C LEU D 149 -10.00 -14.30 10.75
N GLY D 150 -8.72 -14.48 11.06
CA GLY D 150 -8.26 -14.49 12.43
C GLY D 150 -8.68 -13.22 13.15
N ASN D 151 -8.64 -12.10 12.43
CA ASN D 151 -9.06 -10.82 12.99
C ASN D 151 -10.59 -10.72 13.09
N GLU D 152 -11.28 -11.40 12.18
CA GLU D 152 -12.75 -11.40 12.19
C GLU D 152 -13.24 -12.04 13.50
N PHE D 153 -12.68 -13.18 13.85
CA PHE D 153 -12.97 -13.87 15.10
C PHE D 153 -12.80 -12.94 16.31
N ILE D 154 -11.67 -12.25 16.38
CA ILE D 154 -11.40 -11.37 17.51
C ILE D 154 -12.46 -10.29 17.64
N VAL D 155 -12.89 -9.75 16.51
CA VAL D 155 -13.94 -8.73 16.49
C VAL D 155 -15.26 -9.32 16.97
N MET D 156 -15.55 -10.55 16.54
CA MET D 156 -16.81 -11.20 16.87
C MET D 156 -16.93 -11.54 18.35
N LEU D 157 -15.79 -11.69 19.04
CA LEU D 157 -15.82 -11.91 20.47
C LEU D 157 -16.52 -10.75 21.14
N LYS D 158 -16.05 -9.54 20.82
CA LYS D 158 -16.69 -8.33 21.34
C LYS D 158 -18.13 -8.25 20.89
N GLU D 159 -18.35 -8.56 19.62
CA GLU D 159 -19.68 -8.47 19.03
C GLU D 159 -20.68 -9.37 19.77
N SER D 160 -20.22 -10.53 20.22
CA SER D 160 -21.07 -11.56 20.77
C SER D 160 -21.69 -11.14 22.10
N ALA D 161 -21.09 -10.15 22.77
CA ALA D 161 -21.63 -9.64 24.01
C ALA D 161 -23.07 -9.20 23.81
N ILE D 162 -23.46 -9.02 22.55
CA ILE D 162 -24.77 -8.46 22.27
C ILE D 162 -25.91 -9.46 22.42
N VAL D 163 -25.60 -10.74 22.54
CA VAL D 163 -26.65 -11.74 22.71
C VAL D 163 -27.05 -11.78 24.20
N SER D 164 -26.39 -10.96 24.98
CA SER D 164 -26.71 -10.88 26.38
C SER D 164 -28.09 -10.25 26.48
N VAL D 165 -28.34 -9.24 25.65
CA VAL D 165 -29.60 -8.50 25.71
C VAL D 165 -30.79 -9.39 25.36
N ILE D 166 -30.51 -10.55 24.80
CA ILE D 166 -31.54 -11.47 24.36
C ILE D 166 -31.72 -12.54 25.43
N GLY D 167 -30.97 -12.39 26.51
CA GLY D 167 -31.04 -13.30 27.64
C GLY D 167 -30.18 -14.55 27.52
N PHE D 168 -29.20 -14.54 26.62
CA PHE D 168 -28.28 -15.66 26.52
C PHE D 168 -27.21 -15.53 27.59
N ALA D 169 -26.83 -16.65 28.18
CA ALA D 169 -25.93 -16.62 29.33
C ALA D 169 -24.46 -16.50 28.92
N ASP D 170 -24.14 -15.43 28.19
CA ASP D 170 -22.77 -15.17 27.74
C ASP D 170 -21.96 -14.56 28.86
N LEU D 171 -20.80 -14.01 28.55
CA LEU D 171 -19.95 -13.39 29.56
C LEU D 171 -20.58 -12.09 30.08
N THR D 172 -21.31 -11.39 29.20
CA THR D 172 -21.87 -10.10 29.60
C THR D 172 -23.12 -10.27 30.48
N ARG D 173 -23.91 -11.30 30.20
CA ARG D 173 -25.15 -11.56 30.95
C ARG D 173 -24.91 -11.77 32.43
N GLN D 174 -23.76 -12.36 32.78
CA GLN D 174 -23.42 -12.67 34.16
C GLN D 174 -23.63 -11.48 35.11
N ALA D 175 -23.29 -10.28 34.65
CA ALA D 175 -23.40 -9.09 35.48
C ALA D 175 -24.82 -8.87 36.00
N ASP D 176 -25.81 -9.24 35.19
CA ASP D 176 -27.19 -9.18 35.64
C ASP D 176 -27.35 -10.19 36.76
N ILE D 177 -27.06 -11.45 36.44
CA ILE D 177 -27.20 -12.53 37.41
C ILE D 177 -26.59 -12.17 38.77
N ILE D 178 -25.29 -11.89 38.76
CA ILE D 178 -24.63 -11.54 40.00
C ILE D 178 -25.32 -10.38 40.75
N GLN D 179 -25.73 -9.33 40.04
CA GLN D 179 -26.29 -8.18 40.74
C GLN D 179 -27.65 -8.54 41.39
N SER D 180 -28.37 -9.50 40.78
CA SER D 180 -29.67 -9.88 41.30
C SER D 180 -29.49 -10.45 42.71
N VAL D 181 -28.26 -10.85 43.02
CA VAL D 181 -27.94 -11.45 44.31
C VAL D 181 -26.98 -10.56 45.10
N THR D 182 -26.53 -9.47 44.49
CA THR D 182 -25.54 -8.64 45.18
C THR D 182 -25.90 -7.16 45.18
N TYR D 183 -26.79 -6.78 44.27
CA TYR D 183 -27.15 -5.37 44.04
C TYR D 183 -25.97 -4.53 43.52
N ARG D 184 -24.91 -5.23 43.07
CA ARG D 184 -23.73 -4.56 42.52
C ARG D 184 -23.63 -4.77 41.02
N TYR D 185 -23.61 -3.67 40.26
CA TYR D 185 -23.45 -3.75 38.82
C TYR D 185 -22.01 -3.45 38.40
N PHE D 186 -21.45 -2.37 38.96
CA PHE D 186 -20.10 -1.90 38.68
C PHE D 186 -19.05 -3.00 38.66
N GLU D 187 -18.80 -3.61 39.82
CA GLU D 187 -17.72 -4.60 39.97
C GLU D 187 -17.79 -5.80 39.00
N PRO D 188 -18.97 -6.42 38.84
CA PRO D 188 -18.99 -7.51 37.87
C PRO D 188 -18.78 -7.02 36.42
N TYR D 189 -19.14 -5.77 36.15
CA TYR D 189 -18.92 -5.20 34.82
C TYR D 189 -17.42 -4.96 34.58
N ILE D 190 -16.75 -4.33 35.53
CA ILE D 190 -15.31 -4.18 35.48
C ILE D 190 -14.64 -5.54 35.25
N ILE D 191 -15.02 -6.54 36.04
CA ILE D 191 -14.42 -7.85 35.88
C ILE D 191 -14.65 -8.40 34.47
N ILE D 192 -15.86 -8.19 33.96
CA ILE D 192 -16.20 -8.68 32.63
C ILE D 192 -15.34 -8.00 31.55
N ALA D 193 -15.21 -6.68 31.65
CA ALA D 193 -14.35 -5.89 30.78
C ALA D 193 -12.93 -6.46 30.79
N ALA D 194 -12.38 -6.65 31.98
CA ALA D 194 -11.06 -7.23 32.15
C ALA D 194 -10.93 -8.53 31.38
N ILE D 195 -11.92 -9.41 31.52
CA ILE D 195 -11.90 -10.69 30.80
C ILE D 195 -11.94 -10.55 29.26
N TYR D 196 -12.79 -9.65 28.75
CA TYR D 196 -12.85 -9.40 27.30
C TYR D 196 -11.49 -8.90 26.82
N PHE D 197 -10.90 -8.02 27.62
CA PHE D 197 -9.64 -7.40 27.30
C PHE D 197 -8.57 -8.47 27.20
N VAL D 198 -8.44 -9.29 28.26
CA VAL D 198 -7.43 -10.33 28.28
C VAL D 198 -7.61 -11.31 27.11
N MET D 199 -8.86 -11.63 26.78
CA MET D 199 -9.14 -12.50 25.64
C MET D 199 -8.64 -11.88 24.32
N THR D 200 -8.96 -10.60 24.16
CA THR D 200 -8.55 -9.83 23.00
C THR D 200 -7.02 -9.78 22.85
N LEU D 201 -6.33 -9.44 23.94
CA LEU D 201 -4.88 -9.42 23.95
C LEU D 201 -4.32 -10.78 23.56
N THR D 202 -4.77 -11.81 24.26
CA THR D 202 -4.28 -13.16 24.02
C THR D 202 -4.37 -13.52 22.55
N PHE D 203 -5.58 -13.42 22.01
CA PHE D 203 -5.79 -13.78 20.62
C PHE D 203 -5.05 -12.86 19.63
N SER D 204 -4.83 -11.60 20.01
CA SER D 204 -4.08 -10.68 19.16
C SER D 204 -2.61 -11.09 19.05
N LYS D 205 -2.02 -11.40 20.19
CA LYS D 205 -0.68 -11.96 20.25
C LYS D 205 -0.58 -13.21 19.38
N LEU D 206 -1.45 -14.16 19.66
CA LEU D 206 -1.38 -15.41 18.96
C LEU D 206 -1.52 -15.23 17.47
N LEU D 207 -2.51 -14.48 17.02
CA LEU D 207 -2.67 -14.31 15.59
C LEU D 207 -1.44 -13.61 15.05
N SER D 208 -1.01 -12.57 15.71
CA SER D 208 0.01 -11.72 15.15
C SER D 208 1.22 -12.58 14.96
N LEU D 209 1.42 -13.46 15.92
CA LEU D 209 2.52 -14.37 15.86
C LEU D 209 2.37 -15.27 14.68
N PHE D 210 1.17 -15.77 14.46
CA PHE D 210 0.97 -16.65 13.32
C PHE D 210 1.16 -15.85 12.05
N GLU D 211 0.73 -14.60 12.10
CA GLU D 211 0.91 -13.73 10.98
C GLU D 211 2.38 -13.53 10.74
N ARG D 212 3.15 -13.37 11.80
CA ARG D 212 4.56 -13.12 11.63
C ARG D 212 5.19 -14.33 10.97
N ARG D 213 4.51 -15.46 11.08
CA ARG D 213 4.97 -16.72 10.51
C ARG D 213 4.54 -16.95 9.06
N LEU D 214 3.89 -15.97 8.46
CA LEU D 214 3.57 -16.00 7.04
C LEU D 214 4.10 -14.76 6.32
#